data_4K39
#
_entry.id   4K39
#
_cell.length_a   44.031
_cell.length_b   91.915
_cell.length_c   91.004
_cell.angle_alpha   90.000
_cell.angle_beta   91.100
_cell.angle_gamma   90.000
#
_symmetry.space_group_name_H-M   'P 1 21 1'
#
loop_
_entity.id
_entity.type
_entity.pdbx_description
1 polymer 'Anaerobic sulfatase-maturating enzyme'
2 polymer 'Cp18Cys peptide'
3 non-polymer 'IRON/SULFUR CLUSTER'
4 non-polymer S-ADENOSYLMETHIONINE
5 non-polymer GLYCEROL
6 non-polymer 'CHLORIDE ION'
7 water water
#
loop_
_entity_poly.entity_id
_entity_poly.type
_entity_poly.pdbx_seq_one_letter_code
_entity_poly.pdbx_strand_id
1 'polypeptide(L)'
;MPPLSLLIKPASSGCNLKCTYCFYHSLSDNRNVKSYGIMRDEVLESMVKRVLNEANGHCSFAFQGGEPTLAGLEFFEKLM
ELQRKHNYKNLKIYNSLQTNGTLIDESWAKFLSENKFLVGLSMDGPKEIHNLNRKDCCGLDTFSKVERAAELFKKYKVEF
NILCVVTSNTARHVNKVYKYFKEKDFKFLQFINCLDPLYEEKGKYNYSLKPKDYTKFLKNLFDFWYEDFLNGNRVSIRYF
DGLLETILLGKSSSCGMNGTCTCQFVVESDGSVYPCDFYVLDKWRLGNIQDMTMKELFETNKNHEFIKLSFKVHEECKKC
KWFRLCKGGCRRCRDSKEDSALELNYYCQSYKEFFEYAFPRLINVANNIK
;
A,B
2 'polypeptide(L)' YTAVPSCIPSRASILTGM D,C
#
loop_
_chem_comp.id
_chem_comp.type
_chem_comp.name
_chem_comp.formula
CL non-polymer 'CHLORIDE ION' 'Cl -1'
GOL non-polymer GLYCEROL 'C3 H8 O3'
SAM non-polymer S-ADENOSYLMETHIONINE 'C15 H22 N6 O5 S'
SF4 non-polymer 'IRON/SULFUR CLUSTER' 'Fe4 S4'
#
# COMPACT_ATOMS: atom_id res chain seq x y z
N PRO A 2 8.18 -0.41 2.59
CA PRO A 2 7.25 -1.45 3.03
C PRO A 2 7.31 -1.58 4.55
N PRO A 3 6.23 -2.13 5.18
CA PRO A 3 6.27 -2.43 6.63
C PRO A 3 7.37 -3.42 6.91
N LEU A 4 7.80 -3.50 8.16
CA LEU A 4 8.88 -4.41 8.53
C LEU A 4 8.40 -5.28 9.70
N SER A 5 8.66 -6.58 9.61
CA SER A 5 8.26 -7.52 10.66
C SER A 5 9.53 -8.29 11.03
N LEU A 6 9.87 -8.28 12.32
CA LEU A 6 11.04 -9.00 12.88
C LEU A 6 10.66 -10.12 13.85
N LEU A 7 11.48 -11.14 13.90
CA LEU A 7 11.33 -12.21 14.88
C LEU A 7 12.56 -12.28 15.77
N ILE A 8 12.44 -11.82 16.98
CA ILE A 8 13.61 -11.51 17.81
C ILE A 8 13.74 -12.55 18.89
N LYS A 9 14.97 -12.99 19.18
CA LYS A 9 15.24 -13.96 20.23
C LYS A 9 16.07 -13.30 21.32
N PRO A 10 15.45 -12.56 22.23
CA PRO A 10 16.22 -11.72 23.14
C PRO A 10 17.00 -12.52 24.18
N ALA A 11 16.66 -13.79 24.35
CA ALA A 11 17.43 -14.64 25.27
C ALA A 11 18.06 -15.73 24.45
N SER A 12 18.12 -15.52 23.14
CA SER A 12 18.66 -16.51 22.22
C SER A 12 17.87 -17.81 22.32
N SER A 13 18.60 -18.93 22.29
CA SER A 13 17.99 -20.25 22.40
C SER A 13 17.82 -20.66 23.86
N GLY A 14 18.16 -19.77 24.77
CA GLY A 14 18.14 -20.07 26.20
C GLY A 14 16.73 -20.39 26.67
N CYS A 15 16.56 -21.45 27.44
CA CYS A 15 15.24 -21.81 27.95
C CYS A 15 15.33 -22.47 29.32
N ASN A 16 14.27 -22.36 30.12
CA ASN A 16 14.20 -23.04 31.40
C ASN A 16 13.54 -24.42 31.35
N LEU A 17 13.02 -24.82 30.19
CA LEU A 17 12.42 -26.16 30.07
C LEU A 17 13.28 -27.08 29.19
N LYS A 18 12.85 -28.34 29.17
CA LYS A 18 13.44 -29.35 28.32
C LYS A 18 12.40 -30.15 27.57
N CYS A 19 11.64 -29.48 26.72
CA CYS A 19 10.55 -30.19 26.01
C CYS A 19 11.11 -31.22 25.04
N THR A 20 10.60 -32.45 25.12
CA THR A 20 11.19 -33.59 24.39
C THR A 20 11.43 -33.37 22.91
N TYR A 21 10.56 -32.60 22.25
CA TYR A 21 10.62 -32.45 20.79
C TYR A 21 11.37 -31.19 20.37
N CYS A 22 11.80 -30.42 21.35
CA CYS A 22 12.31 -29.10 20.98
C CYS A 22 13.74 -29.18 20.46
N PHE A 23 13.94 -28.56 19.31
CA PHE A 23 15.28 -28.37 18.74
C PHE A 23 15.72 -26.89 18.72
N TYR A 24 14.96 -25.99 19.38
CA TYR A 24 15.35 -24.58 19.49
C TYR A 24 16.08 -24.25 20.74
N HIS A 25 16.25 -25.16 21.70
CA HIS A 25 17.00 -24.80 22.91
C HIS A 25 18.23 -25.67 23.16
N LYS A 34 23.83 -23.33 19.98
CA LYS A 34 24.61 -22.17 20.40
C LYS A 34 23.68 -21.12 21.00
N SER A 35 23.97 -20.69 22.23
CA SER A 35 23.25 -19.54 22.80
C SER A 35 24.13 -18.31 22.79
N TYR A 36 23.63 -17.23 22.21
CA TYR A 36 24.42 -16.00 22.23
C TYR A 36 24.16 -15.22 23.53
N GLY A 37 23.42 -15.81 24.47
CA GLY A 37 23.12 -15.16 25.73
C GLY A 37 21.99 -14.13 25.61
N ILE A 38 21.93 -13.16 26.52
CA ILE A 38 20.87 -12.17 26.46
C ILE A 38 21.30 -11.02 25.57
N MET A 39 20.37 -10.56 24.72
CA MET A 39 20.68 -9.44 23.85
C MET A 39 21.15 -8.19 24.64
N ARG A 40 22.31 -7.68 24.32
CA ARG A 40 22.85 -6.49 24.97
C ARG A 40 22.06 -5.24 24.63
N ASP A 41 22.18 -4.23 25.48
CA ASP A 41 21.43 -2.98 25.28
C ASP A 41 21.79 -2.28 23.97
N GLU A 42 23.07 -2.27 23.62
CA GLU A 42 23.45 -1.59 22.39
C GLU A 42 22.88 -2.29 21.16
N VAL A 43 22.70 -3.62 21.22
CA VAL A 43 22.13 -4.31 20.09
C VAL A 43 20.64 -4.02 20.01
N LEU A 44 19.97 -4.07 21.17
CA LEU A 44 18.56 -3.74 21.28
C LEU A 44 18.33 -2.30 20.75
N GLU A 45 19.17 -1.37 21.17
CA GLU A 45 19.01 0.02 20.76
C GLU A 45 19.19 0.16 19.25
N SER A 46 20.26 -0.46 18.73
CA SER A 46 20.54 -0.34 17.32
C SER A 46 19.40 -0.97 16.51
N MET A 47 18.87 -2.08 16.99
CA MET A 47 17.78 -2.74 16.29
C MET A 47 16.49 -1.90 16.26
N VAL A 48 16.08 -1.40 17.41
CA VAL A 48 14.85 -0.64 17.47
C VAL A 48 14.91 0.64 16.62
N LYS A 49 16.02 1.36 16.71
CA LYS A 49 16.17 2.59 15.92
C LYS A 49 16.15 2.31 14.41
N ARG A 50 16.85 1.26 13.98
CA ARG A 50 16.93 0.95 12.55
C ARG A 50 15.56 0.60 12.00
N VAL A 51 14.79 -0.20 12.74
CA VAL A 51 13.45 -0.59 12.30
C VAL A 51 12.56 0.64 12.19
N LEU A 52 12.62 1.52 13.19
CA LEU A 52 11.74 2.69 13.19
C LEU A 52 12.13 3.70 12.10
N ASN A 53 13.42 3.74 11.76
CA ASN A 53 13.92 4.65 10.68
C ASN A 53 13.64 4.10 9.29
N GLU A 54 13.64 2.79 9.16
CA GLU A 54 13.54 2.16 7.84
C GLU A 54 12.15 1.72 7.40
N ALA A 55 11.32 1.33 8.38
CA ALA A 55 10.00 0.82 8.05
C ALA A 55 9.08 1.93 7.54
N ASN A 56 8.13 1.54 6.68
CA ASN A 56 7.07 2.44 6.25
C ASN A 56 5.73 1.80 6.61
N GLY A 57 4.73 2.61 6.98
CA GLY A 57 3.42 2.09 7.34
C GLY A 57 3.33 1.64 8.78
N HIS A 58 4.01 0.55 9.08
CA HIS A 58 3.99 0.05 10.45
C HIS A 58 5.15 -0.89 10.62
N CYS A 59 5.38 -1.32 11.84
CA CYS A 59 6.33 -2.40 12.03
C CYS A 59 5.87 -3.34 13.12
N SER A 60 6.47 -4.52 13.18
CA SER A 60 6.08 -5.50 14.18
C SER A 60 7.29 -6.12 14.80
N PHE A 61 7.28 -6.25 16.11
CA PHE A 61 8.39 -6.89 16.82
C PHE A 61 7.82 -8.11 17.52
N ALA A 62 8.29 -9.31 17.15
CA ALA A 62 7.79 -10.55 17.76
C ALA A 62 8.92 -11.23 18.54
N PHE A 63 8.69 -11.49 19.83
CA PHE A 63 9.76 -12.04 20.67
C PHE A 63 9.54 -13.50 20.94
N GLN A 64 10.58 -14.28 20.66
CA GLN A 64 10.48 -15.70 20.57
C GLN A 64 11.81 -16.28 21.12
N GLY A 65 12.20 -17.51 20.85
CA GLY A 65 13.40 -18.11 21.43
C GLY A 65 13.33 -19.60 21.22
N GLY A 66 13.79 -20.38 22.21
CA GLY A 66 14.18 -19.88 23.51
C GLY A 66 12.95 -19.48 24.31
N GLU A 67 13.15 -19.16 25.58
CA GLU A 67 12.08 -18.57 26.38
C GLU A 67 12.36 -17.05 26.50
N PRO A 68 11.61 -16.23 25.75
CA PRO A 68 11.99 -14.79 25.73
C PRO A 68 11.86 -14.06 27.09
N THR A 69 10.98 -14.52 27.98
CA THR A 69 10.94 -13.90 29.32
C THR A 69 12.23 -14.07 30.14
N LEU A 70 13.14 -14.94 29.72
CA LEU A 70 14.43 -15.05 30.41
C LEU A 70 15.26 -13.78 30.21
N ALA A 71 14.91 -12.97 29.22
CA ALA A 71 15.61 -11.69 29.06
C ALA A 71 15.32 -10.75 30.24
N GLY A 72 14.19 -10.97 30.91
CA GLY A 72 13.78 -10.18 32.05
C GLY A 72 12.86 -9.02 31.70
N LEU A 73 12.05 -8.59 32.65
CA LEU A 73 11.12 -7.52 32.43
C LEU A 73 11.80 -6.20 32.10
N GLU A 74 12.94 -5.93 32.72
CA GLU A 74 13.58 -4.66 32.47
C GLU A 74 14.03 -4.52 30.99
N PHE A 75 14.40 -5.65 30.36
CA PHE A 75 14.72 -5.64 28.92
C PHE A 75 13.51 -5.15 28.13
N PHE A 76 12.33 -5.64 28.50
CA PHE A 76 11.13 -5.28 27.76
C PHE A 76 10.69 -3.87 28.09
N GLU A 77 10.93 -3.44 29.31
CA GLU A 77 10.64 -2.06 29.63
C GLU A 77 11.52 -1.14 28.78
N LYS A 78 12.78 -1.49 28.59
CA LYS A 78 13.71 -0.67 27.81
C LYS A 78 13.25 -0.60 26.37
N LEU A 79 12.81 -1.74 25.85
CA LEU A 79 12.22 -1.83 24.53
C LEU A 79 11.10 -0.80 24.35
N MET A 80 10.17 -0.73 25.29
CA MET A 80 9.07 0.21 25.16
C MET A 80 9.52 1.67 25.19
N GLU A 81 10.50 1.95 26.03
CA GLU A 81 11.04 3.27 26.09
C GLU A 81 11.69 3.61 24.77
N LEU A 82 12.51 2.75 24.24
CA LEU A 82 13.08 3.01 22.90
C LEU A 82 12.01 3.27 21.83
N GLN A 83 10.91 2.52 21.88
CA GLN A 83 9.84 2.70 20.87
C GLN A 83 9.18 4.07 21.06
N ARG A 84 8.99 4.46 22.28
CA ARG A 84 8.44 5.75 22.59
C ARG A 84 9.32 6.90 22.04
N LYS A 85 10.62 6.81 22.24
CA LYS A 85 11.54 7.91 21.96
C LYS A 85 11.92 8.00 20.49
N HIS A 86 11.93 6.87 19.80
CA HIS A 86 12.66 6.87 18.52
C HIS A 86 11.77 6.62 17.30
N ASN A 87 10.46 6.66 17.52
CA ASN A 87 9.47 6.47 16.46
C ASN A 87 9.18 7.80 15.78
N TYR A 88 10.16 8.32 15.02
CA TYR A 88 10.09 9.68 14.48
C TYR A 88 9.03 9.78 13.40
N LYS A 89 8.74 8.66 12.76
CA LYS A 89 7.70 8.66 11.75
C LYS A 89 6.29 8.43 12.28
N ASN A 90 6.14 8.27 13.59
CA ASN A 90 4.84 7.95 14.17
C ASN A 90 4.21 6.74 13.49
N LEU A 91 5.01 5.71 13.25
CA LEU A 91 4.47 4.44 12.81
C LEU A 91 3.62 3.77 13.86
N LYS A 92 2.66 2.99 13.40
CA LYS A 92 2.00 2.03 14.27
C LYS A 92 2.98 0.89 14.58
N ILE A 93 3.04 0.50 15.84
CA ILE A 93 3.94 -0.58 16.24
C ILE A 93 3.15 -1.73 16.84
N TYR A 94 3.49 -2.94 16.42
CA TYR A 94 2.88 -4.12 17.01
C TYR A 94 3.96 -4.89 17.76
N ASN A 95 3.65 -5.31 18.98
CA ASN A 95 4.58 -6.14 19.74
C ASN A 95 3.93 -7.47 20.10
N SER A 96 4.70 -8.57 20.10
CA SER A 96 4.11 -9.85 20.47
C SER A 96 5.17 -10.69 21.16
N LEU A 97 4.73 -11.69 21.93
CA LEU A 97 5.64 -12.49 22.74
C LEU A 97 5.11 -13.90 22.72
N GLN A 98 5.95 -14.87 22.37
CA GLN A 98 5.63 -16.29 22.49
C GLN A 98 6.31 -16.82 23.75
N THR A 99 5.55 -17.44 24.66
CA THR A 99 6.09 -17.84 25.96
C THR A 99 5.64 -19.21 26.41
N ASN A 100 6.51 -19.88 27.17
CA ASN A 100 6.08 -21.11 27.82
C ASN A 100 5.22 -20.86 29.06
N GLY A 101 5.15 -19.59 29.48
CA GLY A 101 4.26 -19.11 30.54
C GLY A 101 4.72 -19.44 31.97
N THR A 102 5.74 -20.29 32.08
CA THR A 102 6.14 -20.80 33.40
C THR A 102 6.72 -19.73 34.32
N LEU A 103 7.19 -18.62 33.73
CA LEU A 103 7.76 -17.53 34.54
C LEU A 103 6.83 -16.33 34.67
N ILE A 104 5.66 -16.42 34.06
CA ILE A 104 4.72 -15.30 34.10
C ILE A 104 4.18 -15.10 35.50
N ASP A 105 4.26 -13.84 35.97
CA ASP A 105 3.66 -13.47 37.25
C ASP A 105 2.86 -12.20 37.07
N GLU A 106 2.31 -11.67 38.14
CA GLU A 106 1.58 -10.41 38.06
C GLU A 106 2.37 -9.28 37.36
N SER A 107 3.65 -9.13 37.65
CA SER A 107 4.38 -8.04 36.98
C SER A 107 4.40 -8.21 35.46
N TRP A 108 4.59 -9.45 34.99
CA TRP A 108 4.57 -9.71 33.55
C TRP A 108 3.18 -9.45 32.98
N ALA A 109 2.15 -9.96 33.66
CA ALA A 109 0.79 -9.84 33.17
C ALA A 109 0.39 -8.36 33.05
N LYS A 110 0.74 -7.55 34.01
CA LYS A 110 0.40 -6.18 33.94
C LYS A 110 1.15 -5.54 32.78
N PHE A 111 2.45 -5.76 32.67
CA PHE A 111 3.24 -5.18 31.59
C PHE A 111 2.65 -5.54 30.24
N LEU A 112 2.35 -6.83 30.06
CA LEU A 112 1.89 -7.29 28.75
C LEU A 112 0.54 -6.66 28.41
N SER A 113 -0.31 -6.52 29.42
CA SER A 113 -1.62 -5.92 29.22
C SER A 113 -1.51 -4.43 28.92
N GLU A 114 -0.78 -3.71 29.77
CA GLU A 114 -0.66 -2.25 29.59
C GLU A 114 0.00 -1.88 28.27
N ASN A 115 0.91 -2.73 27.78
CA ASN A 115 1.64 -2.42 26.55
C ASN A 115 1.09 -3.09 25.29
N LYS A 116 -0.10 -3.69 25.45
CA LYS A 116 -0.84 -4.23 24.32
C LYS A 116 -0.07 -5.27 23.52
N PHE A 117 0.64 -6.14 24.22
CA PHE A 117 1.30 -7.23 23.52
C PHE A 117 0.24 -8.25 23.16
N LEU A 118 0.39 -8.87 21.99
CA LEU A 118 -0.35 -10.09 21.71
C LEU A 118 0.56 -11.21 22.20
N VAL A 119 0.02 -12.14 22.98
CA VAL A 119 0.84 -13.21 23.57
C VAL A 119 0.42 -14.56 23.01
N GLY A 120 1.41 -15.41 22.70
CA GLY A 120 1.14 -16.79 22.34
C GLY A 120 1.62 -17.62 23.51
N LEU A 121 0.73 -18.42 24.08
CA LEU A 121 1.06 -19.24 25.24
C LEU A 121 1.12 -20.71 24.80
N SER A 122 2.24 -21.38 25.06
CA SER A 122 2.34 -22.77 24.62
C SER A 122 1.67 -23.72 25.57
N MET A 123 0.60 -24.37 25.10
CA MET A 123 -0.13 -25.35 25.88
C MET A 123 -0.50 -26.49 24.93
N ASP A 124 -0.12 -27.72 25.27
CA ASP A 124 -0.32 -28.84 24.31
C ASP A 124 -1.63 -29.58 24.51
N GLY A 125 -2.41 -29.15 25.50
CA GLY A 125 -3.69 -29.79 25.78
C GLY A 125 -3.82 -29.98 27.28
N PRO A 126 -4.73 -30.88 27.72
CA PRO A 126 -4.97 -31.08 29.15
C PRO A 126 -3.73 -31.69 29.82
N LYS A 127 -3.76 -31.77 31.14
CA LYS A 127 -2.60 -32.13 31.95
C LYS A 127 -1.71 -33.26 31.39
N GLU A 128 -2.28 -34.45 31.18
CA GLU A 128 -1.49 -35.61 30.75
C GLU A 128 -0.83 -35.44 29.41
N ILE A 129 -1.59 -34.89 28.46
CA ILE A 129 -1.09 -34.72 27.11
C ILE A 129 0.01 -33.65 27.08
N HIS A 130 -0.19 -32.59 27.85
CA HIS A 130 0.79 -31.50 27.92
C HIS A 130 2.09 -32.00 28.60
N ASN A 131 1.96 -32.61 29.76
CA ASN A 131 3.16 -32.97 30.55
C ASN A 131 4.00 -34.08 29.94
N LEU A 132 3.39 -34.88 29.07
CA LEU A 132 4.10 -36.00 28.43
C LEU A 132 5.39 -35.53 27.76
N ASN A 133 5.35 -34.32 27.20
CA ASN A 133 6.46 -33.79 26.44
C ASN A 133 7.03 -32.51 27.05
N ARG A 134 6.19 -31.70 27.70
CA ARG A 134 6.67 -30.36 28.12
C ARG A 134 7.09 -30.41 29.58
N LYS A 135 8.38 -30.73 29.76
CA LYS A 135 8.93 -31.01 31.07
C LYS A 135 9.94 -29.95 31.39
N ASP A 136 10.17 -29.79 32.67
CA ASP A 136 11.15 -28.85 33.07
C ASP A 136 12.52 -29.49 33.09
N CYS A 137 13.53 -28.70 33.45
CA CYS A 137 14.95 -29.06 33.40
C CYS A 137 15.22 -30.29 34.24
N CYS A 138 14.41 -30.46 35.27
CA CYS A 138 14.57 -31.59 36.16
C CYS A 138 13.76 -32.78 35.69
N GLY A 139 13.00 -32.55 34.63
CA GLY A 139 12.10 -33.57 34.11
C GLY A 139 10.73 -33.54 34.76
N LEU A 140 10.44 -32.49 35.51
CA LEU A 140 9.15 -32.43 36.20
C LEU A 140 8.02 -31.76 35.38
N ASP A 141 6.81 -31.70 35.95
CA ASP A 141 5.63 -31.27 35.18
C ASP A 141 5.55 -29.76 35.03
N THR A 142 4.85 -29.27 34.02
CA THR A 142 4.76 -27.82 33.81
C THR A 142 3.34 -27.31 33.64
N PHE A 143 2.40 -28.21 33.36
CA PHE A 143 1.04 -27.84 33.02
C PHE A 143 0.39 -26.86 34.01
N SER A 144 0.52 -27.15 35.31
CA SER A 144 -0.05 -26.25 36.33
C SER A 144 0.51 -24.81 36.28
N LYS A 145 1.80 -24.68 35.95
CA LYS A 145 2.42 -23.37 35.80
C LYS A 145 1.90 -22.64 34.54
N VAL A 146 1.59 -23.40 33.50
CA VAL A 146 1.05 -22.79 32.27
C VAL A 146 -0.40 -22.38 32.51
N GLU A 147 -1.17 -23.23 33.17
CA GLU A 147 -2.51 -22.81 33.62
C GLU A 147 -2.51 -21.52 34.47
N ARG A 148 -1.54 -21.40 35.34
CA ARG A 148 -1.42 -20.22 36.13
C ARG A 148 -1.18 -19.01 35.22
N ALA A 149 -0.30 -19.12 34.24
CA ALA A 149 -0.10 -18.04 33.26
C ALA A 149 -1.43 -17.64 32.58
N ALA A 150 -2.21 -18.63 32.08
CA ALA A 150 -3.48 -18.31 31.43
C ALA A 150 -4.38 -17.59 32.41
N GLU A 151 -4.35 -18.03 33.67
CA GLU A 151 -5.21 -17.41 34.69
C GLU A 151 -4.84 -15.93 34.84
N LEU A 152 -3.54 -15.63 34.93
CA LEU A 152 -3.07 -14.25 35.04
C LEU A 152 -3.42 -13.43 33.80
N PHE A 153 -3.32 -14.05 32.63
CA PHE A 153 -3.68 -13.36 31.38
C PHE A 153 -5.17 -12.98 31.39
N LYS A 154 -6.04 -13.87 31.81
CA LYS A 154 -7.48 -13.52 31.91
C LYS A 154 -7.75 -12.45 32.95
N LYS A 155 -7.09 -12.54 34.07
CA LYS A 155 -7.28 -11.55 35.13
C LYS A 155 -6.89 -10.16 34.68
N TYR A 156 -5.76 -10.04 33.99
CA TYR A 156 -5.27 -8.74 33.56
C TYR A 156 -5.64 -8.37 32.12
N LYS A 157 -6.47 -9.21 31.50
CA LYS A 157 -7.00 -8.97 30.14
C LYS A 157 -5.91 -8.92 29.06
N VAL A 158 -4.85 -9.70 29.23
CA VAL A 158 -3.87 -9.87 28.16
C VAL A 158 -4.50 -10.60 26.99
N GLU A 159 -4.31 -10.10 25.78
CA GLU A 159 -4.84 -10.80 24.62
C GLU A 159 -3.91 -11.96 24.33
N PHE A 160 -4.42 -13.19 24.30
CA PHE A 160 -3.53 -14.30 23.97
C PHE A 160 -4.13 -15.40 23.09
N ASN A 161 -3.25 -16.09 22.36
CA ASN A 161 -3.63 -17.29 21.61
C ASN A 161 -2.87 -18.45 22.23
N ILE A 162 -3.34 -19.66 21.97
CA ILE A 162 -2.70 -20.88 22.47
C ILE A 162 -1.89 -21.47 21.35
N LEU A 163 -0.69 -21.89 21.63
CA LEU A 163 0.12 -22.52 20.62
C LEU A 163 0.36 -23.96 21.01
N CYS A 164 -0.23 -24.83 20.23
CA CYS A 164 -0.28 -26.24 20.59
C CYS A 164 0.53 -27.07 19.57
N VAL A 165 1.54 -27.80 20.04
CA VAL A 165 2.34 -28.61 19.13
C VAL A 165 1.60 -29.91 18.90
N VAL A 166 1.57 -30.34 17.64
CA VAL A 166 0.79 -31.53 17.26
C VAL A 166 1.78 -32.69 17.13
N THR A 167 1.71 -33.60 18.08
CA THR A 167 2.53 -34.82 18.08
C THR A 167 1.67 -36.02 17.72
N SER A 168 2.26 -37.20 17.65
CA SER A 168 1.47 -38.40 17.39
C SER A 168 0.40 -38.60 18.47
N ASN A 169 0.69 -38.18 19.70
CA ASN A 169 -0.25 -38.35 20.81
C ASN A 169 -1.44 -37.42 20.64
N THR A 170 -1.17 -36.20 20.17
CA THR A 170 -2.26 -35.26 19.85
C THR A 170 -3.24 -35.87 18.84
N ALA A 171 -2.70 -36.55 17.83
CA ALA A 171 -3.53 -37.11 16.76
C ALA A 171 -4.49 -38.16 17.31
N ARG A 172 -4.07 -38.84 18.37
CA ARG A 172 -4.86 -39.92 18.94
C ARG A 172 -5.88 -39.41 19.91
N HIS A 173 -5.77 -38.15 20.32
CA HIS A 173 -6.63 -37.62 21.38
C HIS A 173 -7.15 -36.23 21.07
N VAL A 174 -7.54 -35.98 19.82
CA VAL A 174 -8.06 -34.66 19.43
C VAL A 174 -9.28 -34.31 20.28
N ASN A 175 -10.14 -35.30 20.57
CA ASN A 175 -11.29 -35.01 21.43
C ASN A 175 -10.91 -34.39 22.78
N LYS A 176 -9.95 -34.97 23.48
CA LYS A 176 -9.49 -34.43 24.76
C LYS A 176 -8.87 -33.03 24.64
N VAL A 177 -8.09 -32.84 23.60
CA VAL A 177 -7.40 -31.56 23.40
C VAL A 177 -8.43 -30.46 23.09
N TYR A 178 -9.29 -30.71 22.10
CA TYR A 178 -10.30 -29.71 21.73
C TYR A 178 -11.24 -29.41 22.91
N LYS A 179 -11.65 -30.44 23.63
CA LYS A 179 -12.58 -30.25 24.75
C LYS A 179 -11.95 -29.46 25.87
N TYR A 180 -10.68 -29.73 26.15
CA TYR A 180 -9.97 -28.97 27.17
C TYR A 180 -9.93 -27.48 26.84
N PHE A 181 -9.48 -27.15 25.63
CA PHE A 181 -9.42 -25.74 25.24
C PHE A 181 -10.81 -25.10 25.25
N LYS A 182 -11.84 -25.87 24.91
CA LYS A 182 -13.22 -25.41 24.96
C LYS A 182 -13.66 -25.14 26.38
N GLU A 183 -13.35 -26.05 27.29
CA GLU A 183 -13.70 -25.88 28.71
C GLU A 183 -13.04 -24.64 29.30
N LYS A 184 -11.84 -24.32 28.81
CA LYS A 184 -11.07 -23.20 29.32
C LYS A 184 -11.46 -21.90 28.62
N ASP A 185 -12.32 -22.02 27.61
CA ASP A 185 -12.75 -20.85 26.80
C ASP A 185 -11.57 -20.18 26.07
N PHE A 186 -10.64 -21.01 25.59
CA PHE A 186 -9.58 -20.50 24.71
C PHE A 186 -10.11 -20.52 23.29
N LYS A 187 -10.33 -19.34 22.71
CA LYS A 187 -10.99 -19.25 21.41
C LYS A 187 -10.06 -19.02 20.20
N PHE A 188 -8.77 -18.82 20.48
CA PHE A 188 -7.80 -18.54 19.41
C PHE A 188 -6.66 -19.54 19.50
N LEU A 189 -6.64 -20.49 18.58
CA LEU A 189 -5.76 -21.65 18.69
C LEU A 189 -4.89 -21.70 17.46
N GLN A 190 -3.64 -22.10 17.65
CA GLN A 190 -2.70 -22.36 16.56
C GLN A 190 -2.06 -23.72 16.82
N PHE A 191 -2.25 -24.63 15.87
CA PHE A 191 -1.70 -26.00 15.98
C PHE A 191 -0.45 -26.13 15.09
N ILE A 192 0.70 -26.41 15.73
CA ILE A 192 1.97 -26.41 15.02
C ILE A 192 2.42 -27.85 14.83
N ASN A 193 2.68 -28.29 13.62
CA ASN A 193 3.15 -29.66 13.45
C ASN A 193 4.46 -29.88 14.12
N CYS A 194 4.57 -31.02 14.73
CA CYS A 194 5.82 -31.33 15.40
C CYS A 194 6.80 -31.76 14.32
N LEU A 195 7.87 -31.00 14.13
CA LEU A 195 8.85 -31.36 13.13
C LEU A 195 9.98 -32.13 13.75
N ASP A 196 10.45 -33.15 13.06
CA ASP A 196 11.68 -33.85 13.41
C ASP A 196 12.81 -32.89 13.05
N PRO A 197 14.00 -33.08 13.67
CA PRO A 197 15.08 -32.11 13.45
C PRO A 197 15.49 -32.09 11.98
N LEU A 198 15.89 -30.89 11.51
CA LEU A 198 16.18 -30.68 10.10
C LEU A 198 17.23 -31.68 9.59
N TYR A 199 16.93 -32.32 8.46
CA TYR A 199 17.82 -33.28 7.78
C TYR A 199 18.02 -34.64 8.48
N GLU A 200 17.43 -34.84 9.66
CA GLU A 200 17.37 -36.20 10.21
C GLU A 200 16.37 -37.08 9.45
N GLU A 201 16.50 -38.39 9.59
CA GLU A 201 15.47 -39.30 9.08
C GLU A 201 14.17 -38.96 9.80
N LYS A 202 13.06 -38.97 9.07
CA LYS A 202 11.78 -38.51 9.58
C LYS A 202 11.01 -39.61 10.28
N GLY A 203 10.26 -39.31 11.34
CA GLY A 203 9.41 -40.30 11.99
C GLY A 203 10.09 -41.27 12.94
N LYS A 204 11.20 -40.87 13.55
CA LYS A 204 11.98 -41.79 14.39
C LYS A 204 11.73 -41.67 15.90
N TYR A 205 10.93 -40.70 16.31
CA TYR A 205 10.71 -40.46 17.73
C TYR A 205 9.31 -40.89 18.14
N ASN A 206 9.09 -41.15 19.40
CA ASN A 206 7.79 -41.49 19.90
C ASN A 206 6.76 -40.40 19.63
N TYR A 207 7.20 -39.17 19.67
CA TYR A 207 6.31 -38.03 19.47
C TYR A 207 6.13 -37.68 17.99
N SER A 208 6.95 -38.26 17.12
CA SER A 208 6.99 -37.79 15.71
C SER A 208 5.61 -37.81 15.07
N LEU A 209 5.25 -36.73 14.38
CA LEU A 209 3.95 -36.63 13.74
C LEU A 209 4.05 -37.18 12.33
N LYS A 210 3.59 -38.41 12.14
CA LYS A 210 3.61 -38.98 10.81
C LYS A 210 2.47 -38.56 9.92
N PRO A 211 2.67 -38.60 8.60
CA PRO A 211 1.60 -38.17 7.70
C PRO A 211 0.25 -38.83 8.02
N LYS A 212 0.20 -40.12 8.33
CA LYS A 212 -1.10 -40.73 8.64
C LYS A 212 -1.69 -40.26 9.99
N ASP A 213 -0.81 -39.90 10.94
CA ASP A 213 -1.25 -39.27 12.19
C ASP A 213 -1.84 -37.89 11.90
N TYR A 214 -1.13 -37.10 11.09
CA TYR A 214 -1.60 -35.75 10.73
C TYR A 214 -2.96 -35.76 10.01
N THR A 215 -3.16 -36.71 9.10
CA THR A 215 -4.45 -36.81 8.42
C THR A 215 -5.56 -37.03 9.46
N LYS A 216 -5.30 -37.94 10.38
CA LYS A 216 -6.27 -38.23 11.45
C LYS A 216 -6.55 -37.00 12.31
N PHE A 217 -5.49 -36.33 12.75
CA PHE A 217 -5.62 -35.08 13.50
C PHE A 217 -6.45 -34.03 12.78
N LEU A 218 -6.13 -33.76 11.51
CA LEU A 218 -6.82 -32.70 10.77
C LEU A 218 -8.30 -33.00 10.58
N LYS A 219 -8.62 -34.24 10.22
CA LYS A 219 -10.01 -34.61 9.98
C LYS A 219 -10.85 -34.44 11.23
N ASN A 220 -10.36 -34.95 12.36
CA ASN A 220 -11.11 -34.88 13.61
C ASN A 220 -11.23 -33.47 14.15
N LEU A 221 -10.14 -32.71 14.05
CA LEU A 221 -10.17 -31.33 14.51
C LEU A 221 -11.22 -30.55 13.70
N PHE A 222 -11.19 -30.72 12.39
CA PHE A 222 -12.13 -30.01 11.53
C PHE A 222 -13.58 -30.33 11.94
N ASP A 223 -13.86 -31.61 12.20
CA ASP A 223 -15.19 -31.99 12.67
C ASP A 223 -15.65 -31.26 13.96
N PHE A 224 -14.78 -31.18 14.96
CA PHE A 224 -15.13 -30.44 16.17
C PHE A 224 -15.33 -28.96 15.90
N TRP A 225 -14.43 -28.39 15.10
CA TRP A 225 -14.50 -26.99 14.73
C TRP A 225 -15.79 -26.65 13.96
N TYR A 226 -16.17 -27.52 13.04
CA TYR A 226 -17.32 -27.26 12.19
C TYR A 226 -18.60 -27.39 12.99
N GLU A 227 -18.75 -28.44 13.79
CA GLU A 227 -19.93 -28.60 14.66
C GLU A 227 -20.13 -27.36 15.50
N ASP A 228 -19.05 -26.78 15.98
CA ASP A 228 -19.14 -25.54 16.72
C ASP A 228 -19.64 -24.43 15.82
N PHE A 229 -18.98 -24.21 14.72
CA PHE A 229 -19.45 -23.23 13.73
C PHE A 229 -20.99 -23.30 13.53
N LEU A 230 -21.51 -24.51 13.29
CA LEU A 230 -22.95 -24.72 13.09
C LEU A 230 -23.77 -24.24 14.28
N ASN A 231 -23.23 -24.42 15.48
CA ASN A 231 -23.91 -24.04 16.71
C ASN A 231 -23.64 -22.60 17.14
N GLY A 232 -22.98 -21.82 16.28
CA GLY A 232 -22.76 -20.41 16.55
C GLY A 232 -21.60 -20.07 17.48
N ASN A 233 -20.81 -21.09 17.83
CA ASN A 233 -19.60 -20.89 18.64
C ASN A 233 -18.42 -20.72 17.71
N ARG A 234 -17.87 -19.55 17.62
CA ARG A 234 -16.79 -19.36 16.70
C ARG A 234 -15.50 -19.67 17.44
N VAL A 235 -14.68 -20.53 16.91
CA VAL A 235 -13.36 -20.83 17.44
C VAL A 235 -12.43 -20.52 16.27
N SER A 236 -11.41 -19.71 16.53
CA SER A 236 -10.41 -19.39 15.51
C SER A 236 -9.31 -20.45 15.57
N ILE A 237 -9.08 -21.12 14.44
CA ILE A 237 -8.00 -22.08 14.32
C ILE A 237 -7.16 -21.60 13.15
N ARG A 238 -5.91 -21.26 13.43
CA ARG A 238 -5.05 -20.57 12.47
C ARG A 238 -5.00 -21.20 11.09
N TYR A 239 -4.70 -22.50 11.02
CA TYR A 239 -4.72 -23.19 9.72
C TYR A 239 -6.06 -23.07 8.95
N PHE A 240 -7.20 -23.26 9.61
CA PHE A 240 -8.48 -23.18 8.92
C PHE A 240 -8.76 -21.74 8.48
N ASP A 241 -8.36 -20.78 9.31
CA ASP A 241 -8.52 -19.35 8.94
C ASP A 241 -7.75 -19.05 7.66
N GLY A 242 -6.54 -19.58 7.56
CA GLY A 242 -5.70 -19.35 6.40
C GLY A 242 -6.25 -19.97 5.13
N LEU A 243 -6.83 -21.16 5.25
CA LEU A 243 -7.49 -21.78 4.11
C LEU A 243 -8.65 -20.90 3.65
N LEU A 244 -9.43 -20.42 4.61
CA LEU A 244 -10.53 -19.49 4.32
C LEU A 244 -10.04 -18.24 3.57
N GLU A 245 -8.97 -17.63 4.09
CA GLU A 245 -8.28 -16.50 3.42
C GLU A 245 -7.87 -16.83 2.01
N THR A 246 -7.25 -17.98 1.82
CA THR A 246 -6.85 -18.41 0.49
C THR A 246 -8.07 -18.57 -0.43
N ILE A 247 -9.15 -19.13 0.11
CA ILE A 247 -10.37 -19.32 -0.68
C ILE A 247 -10.99 -17.98 -1.11
N LEU A 248 -11.16 -17.09 -0.14
CA LEU A 248 -11.82 -15.80 -0.38
C LEU A 248 -10.94 -14.74 -1.05
N LEU A 249 -9.66 -14.67 -0.67
CA LEU A 249 -8.76 -13.61 -1.13
C LEU A 249 -7.61 -14.11 -2.02
N GLY A 250 -7.45 -15.42 -2.13
CA GLY A 250 -6.31 -15.98 -2.85
C GLY A 250 -4.94 -15.83 -2.19
N LYS A 251 -4.91 -15.27 -0.97
CA LYS A 251 -3.67 -15.14 -0.21
C LYS A 251 -3.94 -15.42 1.25
N SER A 252 -2.91 -15.83 1.98
CA SER A 252 -3.04 -16.11 3.41
C SER A 252 -2.08 -15.24 4.19
N SER A 253 -2.43 -14.89 5.41
CA SER A 253 -1.49 -14.17 6.27
C SER A 253 -0.55 -15.10 7.04
N SER A 254 -0.63 -16.40 6.78
CA SER A 254 0.30 -17.35 7.40
C SER A 254 1.41 -17.74 6.42
N CYS A 255 2.65 -17.51 6.83
CA CYS A 255 3.79 -17.98 6.07
C CYS A 255 3.76 -19.51 6.03
N GLY A 256 4.01 -20.09 4.86
CA GLY A 256 3.88 -21.53 4.70
C GLY A 256 2.63 -21.92 3.95
N MET A 257 1.70 -20.96 3.81
CA MET A 257 0.43 -21.23 3.15
C MET A 257 0.30 -20.53 1.81
N ASN A 258 1.35 -19.82 1.40
CA ASN A 258 1.32 -19.08 0.14
C ASN A 258 2.18 -19.66 -0.98
N GLY A 259 2.83 -20.78 -0.70
CA GLY A 259 3.58 -21.51 -1.71
C GLY A 259 5.05 -21.17 -1.83
N THR A 260 5.43 -20.00 -1.34
CA THR A 260 6.83 -19.57 -1.39
C THR A 260 7.20 -18.89 -0.07
N CYS A 261 8.49 -18.85 0.20
CA CYS A 261 9.04 -18.31 1.46
C CYS A 261 9.08 -16.78 1.47
N THR A 262 9.19 -16.19 2.65
CA THR A 262 9.40 -14.75 2.77
C THR A 262 10.51 -14.54 3.79
N CYS A 263 11.19 -13.41 3.74
CA CYS A 263 12.24 -13.16 4.75
C CYS A 263 11.59 -12.69 6.04
N GLN A 264 11.77 -13.49 7.11
CA GLN A 264 11.12 -13.22 8.38
CA GLN A 264 11.12 -13.22 8.38
C GLN A 264 11.97 -12.30 9.27
N PHE A 265 13.19 -12.00 8.84
CA PHE A 265 14.12 -11.20 9.65
C PHE A 265 14.20 -11.72 11.09
N VAL A 266 14.69 -12.95 11.25
CA VAL A 266 14.99 -13.47 12.56
C VAL A 266 16.26 -12.84 13.09
N VAL A 267 16.17 -12.18 14.25
CA VAL A 267 17.31 -11.53 14.86
C VAL A 267 17.73 -12.29 16.11
N GLU A 268 18.91 -12.91 16.06
CA GLU A 268 19.46 -13.56 17.26
C GLU A 268 20.02 -12.52 18.25
N SER A 269 20.39 -12.95 19.47
CA SER A 269 20.66 -12.00 20.49
C SER A 269 21.95 -11.21 20.22
N ASP A 270 22.82 -11.73 19.35
CA ASP A 270 24.06 -11.01 18.98
C ASP A 270 23.82 -10.03 17.81
N GLY A 271 22.60 -10.05 17.29
CA GLY A 271 22.18 -9.19 16.19
C GLY A 271 22.28 -9.83 14.82
N SER A 272 22.77 -11.06 14.78
CA SER A 272 22.85 -11.74 13.51
C SER A 272 21.42 -12.03 12.98
N VAL A 273 21.24 -11.95 11.67
CA VAL A 273 19.90 -12.02 11.05
C VAL A 273 19.77 -13.23 10.11
N TYR A 274 18.60 -13.89 10.12
CA TYR A 274 18.30 -15.12 9.33
C TYR A 274 16.94 -14.99 8.65
N PRO A 275 16.72 -15.73 7.53
CA PRO A 275 15.46 -15.53 6.80
C PRO A 275 14.23 -16.22 7.41
N CYS A 276 14.41 -17.19 8.29
CA CYS A 276 13.28 -17.98 8.79
C CYS A 276 13.72 -18.66 10.09
N ASP A 277 12.79 -18.78 11.03
CA ASP A 277 13.06 -19.33 12.34
C ASP A 277 13.52 -20.81 12.23
N PHE A 278 13.16 -21.47 11.14
CA PHE A 278 13.59 -22.88 10.94
C PHE A 278 15.01 -22.98 10.43
N TYR A 279 15.60 -21.85 10.08
CA TYR A 279 16.88 -21.87 9.36
C TYR A 279 17.89 -20.93 9.98
N VAL A 280 17.98 -20.94 11.31
CA VAL A 280 18.97 -20.11 12.00
C VAL A 280 20.26 -20.92 12.00
N LEU A 281 20.92 -20.92 10.84
CA LEU A 281 22.14 -21.68 10.62
C LEU A 281 23.16 -20.80 9.93
N ASP A 282 24.43 -21.15 10.02
CA ASP A 282 25.49 -20.33 9.43
C ASP A 282 25.34 -20.08 7.94
N LYS A 283 24.85 -21.06 7.18
CA LYS A 283 24.78 -20.87 5.73
C LYS A 283 23.66 -19.91 5.34
N TRP A 284 22.76 -19.60 6.26
CA TRP A 284 21.74 -18.58 5.97
C TRP A 284 21.86 -17.31 6.81
N ARG A 285 23.01 -17.12 7.45
CA ARG A 285 23.23 -15.89 8.19
C ARG A 285 23.39 -14.73 7.20
N LEU A 286 22.45 -13.79 7.22
CA LEU A 286 22.43 -12.70 6.25
C LEU A 286 23.46 -11.61 6.55
N GLY A 287 23.74 -11.38 7.82
CA GLY A 287 24.60 -10.30 8.26
C GLY A 287 24.14 -9.89 9.65
N ASN A 288 24.55 -8.70 10.09
CA ASN A 288 24.21 -8.25 11.44
C ASN A 288 23.40 -6.95 11.39
N ILE A 289 22.36 -6.88 12.20
CA ILE A 289 21.45 -5.74 12.18
C ILE A 289 22.12 -4.44 12.63
N GLN A 290 23.27 -4.56 13.31
CA GLN A 290 24.00 -3.36 13.75
C GLN A 290 24.71 -2.68 12.60
N ASP A 291 25.00 -3.43 11.54
CA ASP A 291 25.92 -2.99 10.48
C ASP A 291 25.26 -2.97 9.07
N MET A 292 24.02 -3.41 8.93
CA MET A 292 23.34 -3.45 7.64
C MET A 292 21.93 -2.90 7.74
N THR A 293 21.45 -2.30 6.65
CA THR A 293 20.08 -1.84 6.63
C THR A 293 19.19 -3.07 6.40
N MET A 294 17.92 -2.95 6.71
CA MET A 294 17.02 -4.08 6.46
C MET A 294 16.97 -4.34 4.97
N LYS A 295 16.95 -3.30 4.17
CA LYS A 295 16.97 -3.44 2.73
C LYS A 295 18.18 -4.26 2.33
N GLU A 296 19.38 -3.88 2.79
CA GLU A 296 20.62 -4.60 2.48
C GLU A 296 20.61 -6.08 2.86
N LEU A 297 20.05 -6.38 4.03
CA LEU A 297 19.89 -7.77 4.45
C LEU A 297 18.99 -8.52 3.48
N PHE A 298 17.87 -7.91 3.13
CA PHE A 298 16.89 -8.52 2.23
C PHE A 298 17.48 -8.75 0.85
N GLU A 299 18.35 -7.85 0.41
CA GLU A 299 18.86 -7.95 -0.95
C GLU A 299 20.15 -8.79 -1.03
N THR A 300 20.59 -9.36 0.09
CA THR A 300 21.75 -10.28 0.05
C THR A 300 21.55 -11.45 -0.92
N ASN A 301 22.66 -11.97 -1.46
CA ASN A 301 22.59 -13.17 -2.29
C ASN A 301 21.99 -14.31 -1.47
N LYS A 302 22.36 -14.38 -0.19
CA LYS A 302 21.83 -15.44 0.67
C LYS A 302 20.30 -15.39 0.79
N ASN A 303 19.74 -14.21 1.01
CA ASN A 303 18.28 -14.14 1.12
C ASN A 303 17.59 -14.43 -0.20
N HIS A 304 18.13 -13.88 -1.29
CA HIS A 304 17.51 -14.09 -2.60
C HIS A 304 17.50 -15.59 -2.90
N GLU A 305 18.60 -16.26 -2.58
CA GLU A 305 18.71 -17.70 -2.85
C GLU A 305 17.74 -18.51 -1.98
N PHE A 306 17.75 -18.21 -0.69
CA PHE A 306 16.79 -18.83 0.23
C PHE A 306 15.35 -18.76 -0.31
N ILE A 307 14.87 -17.58 -0.64
CA ILE A 307 13.53 -17.43 -1.17
C ILE A 307 13.33 -18.14 -2.50
N LYS A 308 14.26 -17.93 -3.41
CA LYS A 308 14.06 -18.47 -4.77
C LYS A 308 14.01 -19.99 -4.83
N LEU A 309 14.78 -20.64 -3.96
CA LEU A 309 14.73 -22.11 -3.85
C LEU A 309 13.32 -22.63 -3.64
N SER A 310 12.49 -21.82 -2.99
CA SER A 310 11.14 -22.22 -2.58
C SER A 310 10.13 -22.01 -3.72
N PHE A 311 10.63 -21.47 -4.84
CA PHE A 311 9.74 -21.20 -5.96
C PHE A 311 9.54 -22.45 -6.83
N LYS A 312 10.39 -23.44 -6.65
CA LYS A 312 10.26 -24.65 -7.45
C LYS A 312 8.97 -25.37 -7.10
N VAL A 313 8.16 -25.66 -8.12
CA VAL A 313 6.92 -26.38 -7.89
C VAL A 313 7.13 -27.84 -8.25
N HIS A 314 6.85 -28.74 -7.30
CA HIS A 314 6.98 -30.19 -7.54
C HIS A 314 6.02 -30.65 -8.64
N GLU A 315 6.44 -31.68 -9.41
CA GLU A 315 5.62 -32.09 -10.55
C GLU A 315 4.26 -32.61 -10.16
N GLU A 316 4.13 -33.22 -9.01
CA GLU A 316 2.83 -33.72 -8.56
C GLU A 316 1.89 -32.57 -8.25
N CYS A 317 2.44 -31.48 -7.72
CA CYS A 317 1.69 -30.27 -7.40
C CYS A 317 1.12 -29.61 -8.66
N LYS A 318 1.88 -29.68 -9.75
CA LYS A 318 1.48 -29.01 -10.99
C LYS A 318 0.11 -29.46 -11.48
N LYS A 319 -0.16 -30.75 -11.33
CA LYS A 319 -1.38 -31.35 -11.81
C LYS A 319 -2.34 -31.65 -10.67
N CYS A 320 -2.02 -31.18 -9.48
CA CYS A 320 -2.89 -31.43 -8.33
C CYS A 320 -4.11 -30.52 -8.31
N LYS A 321 -5.28 -31.11 -8.10
CA LYS A 321 -6.56 -30.38 -8.04
C LYS A 321 -6.61 -29.42 -6.86
N TRP A 322 -5.73 -29.65 -5.87
CA TRP A 322 -5.71 -28.80 -4.68
C TRP A 322 -4.66 -27.70 -4.75
N PHE A 323 -3.92 -27.66 -5.84
CA PHE A 323 -2.78 -26.75 -5.96
C PHE A 323 -3.09 -25.31 -5.63
N ARG A 324 -4.25 -24.81 -6.03
CA ARG A 324 -4.59 -23.43 -5.72
C ARG A 324 -5.00 -23.24 -4.27
N LEU A 325 -5.35 -24.32 -3.60
CA LEU A 325 -5.65 -24.28 -2.17
C LEU A 325 -4.45 -24.53 -1.24
N CYS A 326 -3.55 -25.40 -1.66
CA CYS A 326 -2.44 -25.87 -0.85
C CYS A 326 -1.12 -25.16 -1.19
N LYS A 327 -0.84 -25.08 -2.49
CA LYS A 327 0.35 -24.38 -3.01
C LYS A 327 1.67 -25.07 -2.71
N GLY A 328 1.59 -26.28 -2.15
CA GLY A 328 2.79 -27.07 -1.91
C GLY A 328 3.23 -27.01 -0.48
N GLY A 329 2.55 -26.20 0.32
CA GLY A 329 2.85 -26.13 1.74
C GLY A 329 4.17 -25.45 2.07
N CYS A 330 4.57 -25.55 3.33
CA CYS A 330 5.76 -24.84 3.81
C CYS A 330 7.06 -25.48 3.31
N ARG A 331 8.00 -24.66 2.86
CA ARG A 331 9.28 -25.17 2.36
C ARG A 331 10.03 -26.07 3.37
N ARG A 332 9.88 -25.79 4.67
CA ARG A 332 10.58 -26.58 5.69
C ARG A 332 10.14 -28.05 5.64
N CYS A 333 8.90 -28.27 5.19
CA CYS A 333 8.37 -29.63 5.10
C CYS A 333 8.69 -30.29 3.77
N ARG A 334 9.48 -29.61 2.94
CA ARG A 334 9.92 -30.15 1.65
C ARG A 334 11.41 -30.39 1.62
N ASP A 335 12.11 -29.91 2.64
CA ASP A 335 13.57 -29.85 2.67
C ASP A 335 14.11 -31.06 3.39
N SER A 336 14.25 -32.16 2.66
CA SER A 336 14.60 -33.44 3.27
C SER A 336 16.11 -33.63 3.48
N LYS A 337 16.91 -33.05 2.57
CA LYS A 337 18.36 -33.23 2.59
C LYS A 337 19.10 -31.92 2.26
N GLU A 338 20.21 -31.67 2.95
CA GLU A 338 20.96 -30.45 2.74
C GLU A 338 21.48 -30.34 1.31
N ASP A 339 21.11 -29.24 0.64
CA ASP A 339 21.53 -28.92 -0.73
C ASP A 339 21.01 -29.87 -1.82
N SER A 340 20.10 -30.80 -1.42
CA SER A 340 19.35 -31.55 -2.41
C SER A 340 18.22 -30.59 -2.76
N ALA A 341 17.64 -30.73 -3.94
CA ALA A 341 16.50 -29.90 -4.29
C ALA A 341 15.31 -30.26 -3.38
N LEU A 342 14.35 -29.34 -3.26
CA LEU A 342 13.15 -29.58 -2.46
C LEU A 342 12.35 -30.77 -2.97
N GLU A 343 11.80 -31.54 -2.04
CA GLU A 343 10.97 -32.68 -2.39
C GLU A 343 9.49 -32.32 -2.29
N LEU A 344 8.62 -33.27 -2.59
CA LEU A 344 7.19 -33.09 -2.36
C LEU A 344 7.02 -32.93 -0.85
N ASN A 345 6.05 -32.10 -0.44
CA ASN A 345 5.77 -31.89 0.98
C ASN A 345 5.59 -33.22 1.68
N TYR A 346 6.25 -33.36 2.83
CA TYR A 346 6.15 -34.55 3.67
C TYR A 346 4.70 -34.92 3.98
N TYR A 347 3.84 -33.91 4.05
CA TYR A 347 2.46 -34.09 4.48
C TYR A 347 1.48 -34.03 3.31
N CYS A 348 1.99 -34.16 2.10
CA CYS A 348 1.18 -34.06 0.89
C CYS A 348 -0.03 -34.98 0.96
N GLN A 349 0.18 -36.22 1.39
CA GLN A 349 -0.95 -37.15 1.44
C GLN A 349 -2.00 -36.70 2.48
N SER A 350 -1.53 -36.12 3.58
CA SER A 350 -2.42 -35.62 4.62
C SER A 350 -3.30 -34.47 4.10
N TYR A 351 -2.75 -33.57 3.30
CA TYR A 351 -3.55 -32.44 2.81
C TYR A 351 -4.61 -32.92 1.82
N LYS A 352 -4.21 -33.80 0.91
CA LYS A 352 -5.13 -34.41 -0.06
C LYS A 352 -6.29 -35.07 0.64
N GLU A 353 -5.99 -35.96 1.57
CA GLU A 353 -7.05 -36.71 2.26
C GLU A 353 -7.91 -35.76 3.07
N PHE A 354 -7.28 -34.77 3.70
CA PHE A 354 -8.03 -33.77 4.47
C PHE A 354 -8.94 -32.92 3.60
N PHE A 355 -8.42 -32.42 2.47
CA PHE A 355 -9.21 -31.59 1.57
C PHE A 355 -10.43 -32.36 1.04
N GLU A 356 -10.24 -33.62 0.67
CA GLU A 356 -11.37 -34.43 0.20
C GLU A 356 -12.46 -34.52 1.26
N TYR A 357 -12.04 -34.55 2.52
CA TYR A 357 -12.96 -34.72 3.63
C TYR A 357 -13.65 -33.42 4.02
N ALA A 358 -12.93 -32.30 3.90
CA ALA A 358 -13.35 -31.02 4.51
C ALA A 358 -13.78 -29.91 3.53
N PHE A 359 -13.30 -29.99 2.30
CA PHE A 359 -13.52 -28.87 1.34
C PHE A 359 -15.00 -28.43 1.19
N PRO A 360 -15.93 -29.38 1.01
CA PRO A 360 -17.34 -28.97 0.92
C PRO A 360 -17.78 -28.08 2.08
N ARG A 361 -17.47 -28.49 3.31
CA ARG A 361 -17.79 -27.67 4.49
C ARG A 361 -16.95 -26.38 4.65
N LEU A 362 -15.71 -26.38 4.18
CA LEU A 362 -14.94 -25.14 4.16
C LEU A 362 -15.61 -24.08 3.26
N ILE A 363 -16.13 -24.53 2.12
CA ILE A 363 -16.84 -23.59 1.21
C ILE A 363 -18.09 -23.04 1.91
N ASN A 364 -18.82 -23.97 2.52
CA ASN A 364 -19.98 -23.69 3.34
C ASN A 364 -19.68 -22.53 4.30
N VAL A 365 -18.60 -22.67 5.07
CA VAL A 365 -18.18 -21.62 6.00
C VAL A 365 -17.80 -20.32 5.30
N ALA A 366 -17.04 -20.43 4.20
CA ALA A 366 -16.54 -19.25 3.51
C ALA A 366 -17.70 -18.39 2.99
N ASN A 367 -18.73 -19.06 2.46
CA ASN A 367 -19.97 -18.38 2.04
C ASN A 367 -20.64 -17.62 3.18
N ASN A 368 -20.71 -18.25 4.35
CA ASN A 368 -21.43 -17.67 5.49
C ASN A 368 -20.68 -16.54 6.20
N ILE A 369 -19.39 -16.43 5.92
CA ILE A 369 -18.62 -15.29 6.41
C ILE A 369 -18.42 -14.36 5.22
N LYS A 370 -19.29 -14.54 4.22
CA LYS A 370 -19.43 -13.70 3.03
C LYS A 370 -18.33 -13.88 1.98
N PRO B 2 -5.13 38.62 -25.90
CA PRO B 2 -3.96 38.18 -25.14
C PRO B 2 -4.11 38.33 -23.62
N PRO B 3 -5.11 37.63 -23.00
CA PRO B 3 -5.00 37.44 -21.55
C PRO B 3 -3.87 36.45 -21.39
N LEU B 4 -3.32 36.33 -20.19
CA LEU B 4 -2.17 35.46 -19.99
C LEU B 4 -2.50 34.46 -18.90
N SER B 5 -2.03 33.24 -19.06
CA SER B 5 -2.30 32.19 -18.09
C SER B 5 -0.95 31.54 -17.84
N LEU B 6 -0.57 31.37 -16.57
CA LEU B 6 0.70 30.75 -16.26
C LEU B 6 0.50 29.56 -15.33
N LEU B 7 1.35 28.55 -15.47
CA LEU B 7 1.39 27.41 -14.55
C LEU B 7 2.67 27.52 -13.69
N ILE B 8 2.52 27.79 -12.39
CA ILE B 8 3.69 28.12 -11.56
C ILE B 8 3.99 27.00 -10.58
N LYS B 9 5.28 26.69 -10.40
CA LYS B 9 5.69 25.65 -9.44
C LYS B 9 6.51 26.30 -8.35
N PRO B 10 5.83 26.85 -7.33
CA PRO B 10 6.58 27.66 -6.37
C PRO B 10 7.49 26.83 -5.48
N ALA B 11 7.25 25.52 -5.38
CA ALA B 11 8.10 24.62 -4.61
C ALA B 11 8.74 23.61 -5.53
N SER B 12 8.75 23.94 -6.82
CA SER B 12 9.27 23.05 -7.86
C SER B 12 8.57 21.69 -7.80
N SER B 13 9.33 20.60 -7.93
CA SER B 13 8.76 19.26 -7.83
C SER B 13 8.73 18.68 -6.41
N GLY B 14 9.13 19.47 -5.41
CA GLY B 14 9.11 19.04 -4.02
C GLY B 14 7.74 18.58 -3.56
N CYS B 15 7.69 17.48 -2.80
CA CYS B 15 6.42 17.00 -2.27
C CYS B 15 6.60 16.23 -0.97
N ASN B 16 5.59 16.27 -0.11
CA ASN B 16 5.59 15.52 1.12
C ASN B 16 4.97 14.12 0.98
N LEU B 17 4.41 13.78 -0.18
CA LEU B 17 3.88 12.43 -0.35
C LEU B 17 4.77 11.57 -1.22
N LYS B 18 4.36 10.32 -1.40
CA LYS B 18 5.13 9.40 -2.20
C LYS B 18 4.16 8.50 -2.95
N CYS B 19 3.34 9.12 -3.78
CA CYS B 19 2.30 8.37 -4.49
C CYS B 19 2.92 7.25 -5.33
N THR B 20 2.31 6.07 -5.35
CA THR B 20 2.85 4.94 -6.11
C THR B 20 3.11 5.31 -7.56
N TYR B 21 2.26 6.16 -8.11
CA TYR B 21 2.34 6.49 -9.54
C TYR B 21 3.10 7.77 -9.89
N CYS B 22 3.75 8.37 -8.90
CA CYS B 22 4.48 9.61 -9.11
C CYS B 22 5.63 9.42 -10.09
N PHE B 23 5.79 10.36 -11.00
CA PHE B 23 6.86 10.30 -11.99
C PHE B 23 7.80 11.50 -11.82
N TYR B 24 7.72 12.15 -10.66
CA TYR B 24 8.70 13.16 -10.26
C TYR B 24 9.70 12.53 -9.28
N HIS B 25 9.42 11.30 -8.87
CA HIS B 25 10.24 10.66 -7.86
C HIS B 25 11.28 9.74 -8.46
N SER B 35 15.53 19.12 -8.82
CA SER B 35 14.11 19.09 -8.66
C SER B 35 13.48 19.74 -7.38
N TYR B 36 14.27 20.37 -6.53
CA TYR B 36 13.72 20.99 -5.33
C TYR B 36 14.24 22.38 -5.29
N GLY B 37 13.41 23.33 -4.88
CA GLY B 37 13.76 24.70 -4.63
C GLY B 37 12.44 25.41 -4.30
N ILE B 38 12.49 26.53 -3.61
CA ILE B 38 11.35 27.40 -3.41
C ILE B 38 11.68 28.62 -4.25
N MET B 39 10.68 29.09 -4.96
CA MET B 39 10.84 30.32 -5.73
C MET B 39 11.22 31.51 -4.84
N ARG B 40 12.31 32.17 -5.19
CA ARG B 40 12.75 33.34 -4.45
C ARG B 40 11.78 34.51 -4.61
N ASP B 41 11.76 35.42 -3.63
CA ASP B 41 10.90 36.60 -3.69
C ASP B 41 11.16 37.48 -4.92
N GLU B 42 12.42 37.56 -5.35
CA GLU B 42 12.75 38.38 -6.51
C GLU B 42 12.18 37.80 -7.80
N VAL B 43 12.13 36.47 -7.88
CA VAL B 43 11.56 35.80 -9.05
C VAL B 43 10.06 35.96 -9.05
N LEU B 44 9.42 35.72 -7.90
CA LEU B 44 7.99 35.96 -7.71
C LEU B 44 7.62 37.38 -8.15
N GLU B 45 8.33 38.37 -7.62
CA GLU B 45 8.04 39.77 -7.94
C GLU B 45 8.16 40.06 -9.45
N SER B 46 9.23 39.58 -10.09
CA SER B 46 9.40 39.82 -11.53
C SER B 46 8.26 39.23 -12.31
N MET B 47 7.94 37.97 -12.02
CA MET B 47 6.83 37.30 -12.68
C MET B 47 5.51 38.06 -12.51
N VAL B 48 5.16 38.39 -11.27
CA VAL B 48 3.89 39.08 -11.01
C VAL B 48 3.87 40.43 -11.73
N LYS B 49 4.93 41.22 -11.57
CA LYS B 49 5.03 42.52 -12.26
C LYS B 49 4.85 42.40 -13.75
N ARG B 50 5.54 41.45 -14.35
CA ARG B 50 5.54 41.33 -15.80
C ARG B 50 4.16 40.90 -16.33
N VAL B 51 3.55 39.92 -15.68
CA VAL B 51 2.25 39.44 -16.12
C VAL B 51 1.18 40.54 -16.00
N LEU B 52 1.24 41.29 -14.92
CA LEU B 52 0.22 42.31 -14.66
C LEU B 52 0.44 43.50 -15.59
N ASN B 53 1.67 43.64 -16.08
CA ASN B 53 2.00 44.68 -17.05
C ASN B 53 1.57 44.29 -18.46
N GLU B 54 1.83 43.05 -18.82
CA GLU B 54 1.66 42.62 -20.21
C GLU B 54 0.29 42.04 -20.58
N ALA B 55 -0.44 41.48 -19.60
CA ALA B 55 -1.72 40.83 -19.91
C ALA B 55 -2.78 41.84 -20.36
N ASN B 56 -3.65 41.43 -21.28
CA ASN B 56 -4.83 42.22 -21.60
C ASN B 56 -6.10 41.64 -20.97
N GLY B 57 -6.84 42.46 -20.22
CA GLY B 57 -8.15 42.02 -19.75
C GLY B 57 -8.13 41.27 -18.43
N HIS B 58 -7.58 40.06 -18.46
CA HIS B 58 -7.43 39.29 -17.23
C HIS B 58 -6.19 38.41 -17.31
N CYS B 59 -5.80 37.83 -16.19
CA CYS B 59 -4.70 36.88 -16.19
C CYS B 59 -4.98 35.81 -15.15
N SER B 60 -4.23 34.71 -15.21
CA SER B 60 -4.54 33.56 -14.38
C SER B 60 -3.20 33.02 -13.86
N PHE B 61 -3.09 32.90 -12.54
CA PHE B 61 -1.90 32.31 -11.94
C PHE B 61 -2.35 30.96 -11.38
N ALA B 62 -1.79 29.87 -11.88
CA ALA B 62 -2.14 28.53 -11.34
C ALA B 62 -0.94 27.89 -10.67
N PHE B 63 -1.07 27.60 -9.38
CA PHE B 63 0.06 27.05 -8.64
C PHE B 63 -0.05 25.54 -8.50
N GLN B 64 1.02 24.85 -8.88
CA GLN B 64 1.05 23.40 -8.88
C GLN B 64 2.42 22.89 -8.49
N GLY B 65 2.68 21.60 -8.72
CA GLY B 65 3.92 21.03 -8.19
C GLY B 65 4.06 19.60 -8.67
N GLY B 66 4.63 18.71 -7.86
CA GLY B 66 4.95 18.97 -6.47
C GLY B 66 3.74 19.29 -5.60
N GLU B 67 4.00 19.76 -4.39
CA GLU B 67 2.95 20.22 -3.51
C GLU B 67 3.20 21.70 -3.25
N PRO B 68 2.42 22.59 -3.90
CA PRO B 68 2.74 24.02 -3.81
C PRO B 68 2.59 24.60 -2.40
N THR B 69 1.77 24.02 -1.53
CA THR B 69 1.73 24.47 -0.13
C THR B 69 3.08 24.35 0.63
N LEU B 70 4.03 23.59 0.11
CA LEU B 70 5.36 23.53 0.72
C LEU B 70 6.08 24.85 0.61
N ALA B 71 5.59 25.74 -0.28
CA ALA B 71 6.22 27.07 -0.39
C ALA B 71 5.90 27.86 0.89
N GLY B 72 4.80 27.48 1.54
CA GLY B 72 4.40 28.05 2.82
C GLY B 72 3.38 29.16 2.67
N LEU B 73 2.59 29.42 3.70
CA LEU B 73 1.55 30.46 3.61
C LEU B 73 2.11 31.86 3.36
N GLU B 74 3.23 32.18 3.95
CA GLU B 74 3.82 33.48 3.78
C GLU B 74 4.07 33.80 2.29
N PHE B 75 4.55 32.83 1.56
CA PHE B 75 4.78 32.99 0.12
C PHE B 75 3.52 33.45 -0.57
N PHE B 76 2.41 32.79 -0.25
CA PHE B 76 1.16 33.12 -0.90
C PHE B 76 0.63 34.46 -0.43
N GLU B 77 0.94 34.84 0.82
CA GLU B 77 0.57 36.16 1.31
C GLU B 77 1.36 37.24 0.58
N LYS B 78 2.62 36.93 0.27
CA LYS B 78 3.48 37.87 -0.45
C LYS B 78 3.00 38.00 -1.89
N LEU B 79 2.54 36.88 -2.45
CA LEU B 79 1.96 36.90 -3.81
C LEU B 79 0.81 37.88 -3.86
N MET B 80 -0.06 37.84 -2.85
CA MET B 80 -1.22 38.73 -2.82
C MET B 80 -0.84 40.19 -2.66
N GLU B 81 0.15 40.44 -1.82
CA GLU B 81 0.69 41.79 -1.60
C GLU B 81 1.19 42.33 -2.92
N LEU B 82 1.94 41.52 -3.63
CA LEU B 82 2.54 41.89 -4.92
C LEU B 82 1.49 42.11 -6.01
N GLN B 83 0.45 41.25 -6.05
CA GLN B 83 -0.64 41.47 -6.99
C GLN B 83 -1.32 42.80 -6.69
N ARG B 84 -1.51 43.14 -5.44
CA ARG B 84 -2.16 44.41 -5.18
C ARG B 84 -1.23 45.54 -5.55
N LYS B 85 0.06 45.39 -5.26
CA LYS B 85 1.04 46.44 -5.56
C LYS B 85 1.16 46.75 -7.06
N HIS B 86 1.16 45.72 -7.88
CA HIS B 86 1.58 45.87 -9.25
C HIS B 86 0.46 45.75 -10.26
N ASN B 87 -0.80 45.78 -9.82
CA ASN B 87 -1.94 45.69 -10.75
C ASN B 87 -2.36 47.09 -11.24
N TYR B 88 -1.43 47.76 -11.90
CA TYR B 88 -1.64 49.15 -12.34
C TYR B 88 -2.75 49.31 -13.36
N LYS B 89 -3.05 48.23 -14.11
CA LYS B 89 -4.09 48.28 -15.13
C LYS B 89 -5.42 47.74 -14.59
N ASN B 90 -5.46 47.40 -13.30
CA ASN B 90 -6.69 46.88 -12.68
C ASN B 90 -7.29 45.72 -13.44
N LEU B 91 -6.43 44.78 -13.86
CA LEU B 91 -6.90 43.54 -14.48
C LEU B 91 -7.67 42.71 -13.49
N LYS B 92 -8.58 41.89 -14.00
CA LYS B 92 -9.14 40.82 -13.19
C LYS B 92 -8.05 39.74 -13.09
N ILE B 93 -7.79 39.26 -11.86
CA ILE B 93 -6.82 38.21 -11.65
C ILE B 93 -7.51 36.95 -11.12
N TYR B 94 -7.17 35.80 -11.70
CA TYR B 94 -7.68 34.51 -11.24
C TYR B 94 -6.51 33.75 -10.62
N ASN B 95 -6.66 33.29 -9.38
CA ASN B 95 -5.60 32.53 -8.75
C ASN B 95 -6.12 31.14 -8.50
N SER B 96 -5.28 30.13 -8.68
CA SER B 96 -5.74 28.78 -8.33
C SER B 96 -4.62 27.99 -7.69
N LEU B 97 -5.00 26.94 -7.00
CA LEU B 97 -4.04 26.13 -6.28
C LEU B 97 -4.42 24.67 -6.45
N GLN B 98 -3.46 23.88 -6.92
CA GLN B 98 -3.66 22.42 -6.96
C GLN B 98 -2.89 21.85 -5.77
N THR B 99 -3.55 21.06 -4.93
CA THR B 99 -2.92 20.57 -3.70
C THR B 99 -3.35 19.15 -3.38
N ASN B 100 -2.45 18.43 -2.68
CA ASN B 100 -2.78 17.12 -2.15
C ASN B 100 -3.61 17.17 -0.86
N GLY B 101 -3.77 18.38 -0.32
CA GLY B 101 -4.65 18.65 0.80
C GLY B 101 -4.07 18.33 2.18
N THR B 102 -2.96 17.61 2.23
CA THR B 102 -2.47 17.05 3.49
C THR B 102 -1.88 18.10 4.41
N LEU B 103 -1.56 19.28 3.88
CA LEU B 103 -1.01 20.33 4.72
C LEU B 103 -2.05 21.40 4.93
N ILE B 104 -3.23 21.20 4.36
CA ILE B 104 -4.30 22.20 4.49
C ILE B 104 -4.87 22.24 5.92
N ASP B 105 -4.81 23.42 6.55
CA ASP B 105 -5.47 23.62 7.84
C ASP B 105 -6.28 24.91 7.82
N GLU B 106 -6.80 25.31 8.99
CA GLU B 106 -7.70 26.45 9.02
C GLU B 106 -7.06 27.72 8.47
N SER B 107 -5.76 27.92 8.72
CA SER B 107 -5.07 29.10 8.16
C SER B 107 -5.08 29.10 6.64
N TRP B 108 -4.83 27.93 6.05
CA TRP B 108 -4.90 27.84 4.59
C TRP B 108 -6.33 28.06 4.08
N ALA B 109 -7.31 27.41 4.71
CA ALA B 109 -8.69 27.56 4.26
C ALA B 109 -9.12 29.02 4.33
N LYS B 110 -8.70 29.70 5.39
CA LYS B 110 -9.01 31.11 5.58
C LYS B 110 -8.41 31.99 4.46
N PHE B 111 -7.13 31.77 4.18
CA PHE B 111 -6.43 32.47 3.11
C PHE B 111 -7.09 32.20 1.75
N LEU B 112 -7.38 30.93 1.47
CA LEU B 112 -7.89 30.54 0.15
C LEU B 112 -9.28 31.10 -0.10
N SER B 113 -10.04 31.28 0.98
CA SER B 113 -11.40 31.80 0.91
C SER B 113 -11.39 33.31 0.69
N GLU B 114 -10.62 33.99 1.55
CA GLU B 114 -10.50 35.45 1.51
C GLU B 114 -10.05 35.92 0.15
N ASN B 115 -9.17 35.14 -0.48
CA ASN B 115 -8.55 35.58 -1.72
C ASN B 115 -9.13 34.88 -2.94
N LYS B 116 -10.23 34.17 -2.72
CA LYS B 116 -11.03 33.56 -3.80
C LYS B 116 -10.21 32.73 -4.78
N PHE B 117 -9.35 31.86 -4.24
CA PHE B 117 -8.66 30.88 -5.07
C PHE B 117 -9.64 29.79 -5.48
N LEU B 118 -9.50 29.29 -6.70
CA LEU B 118 -10.18 28.06 -7.04
C LEU B 118 -9.16 27.00 -6.63
N VAL B 119 -9.59 25.96 -5.91
CA VAL B 119 -8.66 24.94 -5.51
C VAL B 119 -8.91 23.62 -6.23
N GLY B 120 -7.85 22.95 -6.65
CA GLY B 120 -8.01 21.62 -7.20
C GLY B 120 -7.47 20.67 -6.14
N LEU B 121 -8.33 19.82 -5.59
CA LEU B 121 -7.95 18.93 -4.48
C LEU B 121 -7.81 17.51 -5.00
N SER B 122 -6.64 16.94 -4.82
CA SER B 122 -6.35 15.59 -5.29
C SER B 122 -6.97 14.49 -4.40
N MET B 123 -7.99 13.83 -4.93
CA MET B 123 -8.63 12.72 -4.20
C MET B 123 -8.96 11.63 -5.21
N ASP B 124 -8.56 10.40 -4.90
CA ASP B 124 -8.60 9.31 -5.89
C ASP B 124 -9.87 8.44 -5.76
N GLY B 125 -10.70 8.76 -4.76
CA GLY B 125 -11.95 8.05 -4.54
C GLY B 125 -12.16 7.82 -3.05
N PRO B 126 -13.00 6.84 -2.67
CA PRO B 126 -13.21 6.52 -1.26
C PRO B 126 -11.93 6.02 -0.62
N LYS B 127 -11.93 5.92 0.71
CA LYS B 127 -10.75 5.57 1.52
C LYS B 127 -9.83 4.48 0.95
N GLU B 128 -10.37 3.29 0.70
CA GLU B 128 -9.54 2.17 0.29
C GLU B 128 -8.84 2.40 -1.06
N ILE B 129 -9.55 3.01 -1.99
CA ILE B 129 -9.00 3.28 -3.32
C ILE B 129 -7.98 4.45 -3.27
N HIS B 130 -8.30 5.49 -2.53
CA HIS B 130 -7.34 6.62 -2.38
C HIS B 130 -6.03 6.15 -1.72
N ASN B 131 -6.16 5.50 -0.56
CA ASN B 131 -4.97 5.11 0.21
C ASN B 131 -4.12 4.05 -0.48
N LEU B 132 -4.71 3.30 -1.42
CA LEU B 132 -3.96 2.29 -2.15
C LEU B 132 -2.69 2.88 -2.76
N ASN B 133 -2.82 4.06 -3.37
CA ASN B 133 -1.73 4.66 -4.12
C ASN B 133 -1.16 5.92 -3.49
N ARG B 134 -1.97 6.62 -2.68
CA ARG B 134 -1.55 7.95 -2.19
C ARG B 134 -1.17 7.81 -0.71
N LYS B 135 0.08 7.48 -0.47
CA LYS B 135 0.57 7.36 0.89
C LYS B 135 1.67 8.42 1.03
N ASP B 136 1.93 8.82 2.27
CA ASP B 136 2.97 9.84 2.48
C ASP B 136 4.38 9.24 2.51
N CYS B 137 5.40 10.05 2.79
CA CYS B 137 6.76 9.54 2.68
C CYS B 137 7.13 8.53 3.78
N CYS B 138 6.26 8.38 4.77
CA CYS B 138 6.45 7.41 5.86
C CYS B 138 5.56 6.18 5.64
N GLY B 139 4.89 6.17 4.49
CA GLY B 139 4.01 5.08 4.11
C GLY B 139 2.66 5.10 4.79
N LEU B 140 2.25 6.23 5.34
CA LEU B 140 0.99 6.34 6.07
C LEU B 140 -0.17 6.85 5.20
N ASP B 141 -1.40 6.51 5.58
CA ASP B 141 -2.59 6.91 4.82
C ASP B 141 -2.74 8.43 4.80
N THR B 142 -3.37 8.93 3.73
CA THR B 142 -3.62 10.37 3.58
C THR B 142 -5.11 10.73 3.45
N PHE B 143 -5.96 9.74 3.26
CA PHE B 143 -7.37 9.99 2.97
C PHE B 143 -8.06 10.88 3.99
N SER B 144 -7.92 10.60 5.29
CA SER B 144 -8.64 11.43 6.27
C SER B 144 -8.17 12.90 6.25
N LYS B 145 -6.88 13.10 6.03
CA LYS B 145 -6.33 14.45 5.87
C LYS B 145 -6.92 15.18 4.65
N VAL B 146 -7.13 14.44 3.56
CA VAL B 146 -7.74 15.03 2.36
C VAL B 146 -9.24 15.34 2.57
N GLU B 147 -9.94 14.44 3.26
CA GLU B 147 -11.33 14.68 3.61
C GLU B 147 -11.47 15.90 4.49
N ARG B 148 -10.53 16.06 5.42
CA ARG B 148 -10.51 17.23 6.29
C ARG B 148 -10.37 18.48 5.48
N ALA B 149 -9.43 18.46 4.54
CA ALA B 149 -9.24 19.62 3.66
C ALA B 149 -10.56 19.99 2.96
N ALA B 150 -11.28 18.98 2.44
CA ALA B 150 -12.56 19.24 1.75
C ALA B 150 -13.59 19.84 2.73
N GLU B 151 -13.62 19.33 3.96
CA GLU B 151 -14.53 19.83 5.01
C GLU B 151 -14.21 21.27 5.33
N LEU B 152 -12.93 21.55 5.60
CA LEU B 152 -12.45 22.92 5.78
C LEU B 152 -12.82 23.80 4.59
N PHE B 153 -12.69 23.26 3.37
CA PHE B 153 -13.07 24.08 2.21
C PHE B 153 -14.59 24.39 2.20
N LYS B 154 -15.40 23.38 2.53
CA LYS B 154 -16.85 23.57 2.61
C LYS B 154 -17.22 24.60 3.68
N LYS B 155 -16.67 24.45 4.89
CA LYS B 155 -16.89 25.39 5.99
C LYS B 155 -16.52 26.84 5.61
N TYR B 156 -15.39 27.00 4.90
CA TYR B 156 -14.90 28.34 4.56
C TYR B 156 -15.37 28.89 3.22
N LYS B 157 -16.26 28.16 2.54
CA LYS B 157 -16.81 28.55 1.24
C LYS B 157 -15.71 28.71 0.18
N VAL B 158 -14.71 27.84 0.23
CA VAL B 158 -13.66 27.80 -0.80
C VAL B 158 -14.17 26.97 -1.98
N GLU B 159 -14.11 27.52 -3.18
CA GLU B 159 -14.47 26.76 -4.36
C GLU B 159 -13.40 25.75 -4.68
N PHE B 160 -13.81 24.50 -4.87
CA PHE B 160 -12.84 23.46 -5.27
C PHE B 160 -13.40 22.43 -6.24
N ASN B 161 -12.50 21.85 -7.04
CA ASN B 161 -12.79 20.72 -7.90
C ASN B 161 -11.98 19.57 -7.35
N ILE B 162 -12.42 18.35 -7.65
CA ILE B 162 -11.67 17.16 -7.28
C ILE B 162 -10.82 16.76 -8.47
N LEU B 163 -9.53 16.49 -8.23
CA LEU B 163 -8.65 15.98 -9.26
C LEU B 163 -8.40 14.52 -8.91
N CYS B 164 -8.87 13.62 -9.77
CA CYS B 164 -8.80 12.17 -9.53
C CYS B 164 -7.90 11.50 -10.56
N VAL B 165 -6.89 10.76 -10.11
CA VAL B 165 -6.02 10.05 -11.06
C VAL B 165 -6.67 8.73 -11.49
N VAL B 166 -6.63 8.42 -12.79
CA VAL B 166 -7.26 7.21 -13.29
C VAL B 166 -6.19 6.18 -13.55
N THR B 167 -6.12 5.19 -12.68
CA THR B 167 -5.21 4.07 -12.86
C THR B 167 -6.05 2.88 -13.31
N SER B 168 -5.40 1.76 -13.61
CA SER B 168 -6.10 0.53 -13.94
C SER B 168 -7.21 0.23 -12.94
N ASN B 169 -6.89 0.42 -11.66
CA ASN B 169 -7.84 0.15 -10.59
C ASN B 169 -9.08 1.06 -10.60
N THR B 170 -8.90 2.32 -10.98
CA THR B 170 -10.03 3.24 -11.07
C THR B 170 -10.96 2.74 -12.17
N ALA B 171 -10.36 2.30 -13.27
CA ALA B 171 -11.12 1.91 -14.45
C ALA B 171 -12.03 0.72 -14.20
N ARG B 172 -11.79 0.02 -13.09
CA ARG B 172 -12.55 -1.17 -12.75
C ARG B 172 -13.51 -0.91 -11.60
N HIS B 173 -13.30 0.19 -10.89
CA HIS B 173 -14.21 0.57 -9.82
C HIS B 173 -14.76 1.98 -10.02
N VAL B 174 -15.12 2.30 -11.25
CA VAL B 174 -15.72 3.61 -11.54
C VAL B 174 -16.95 3.82 -10.66
N ASN B 175 -17.72 2.76 -10.46
CA ASN B 175 -18.93 2.87 -9.67
C ASN B 175 -18.67 3.36 -8.25
N LYS B 176 -17.72 2.73 -7.57
CA LYS B 176 -17.33 3.14 -6.21
C LYS B 176 -16.84 4.58 -6.13
N VAL B 177 -16.03 4.98 -7.10
CA VAL B 177 -15.46 6.33 -7.13
C VAL B 177 -16.56 7.38 -7.35
N TYR B 178 -17.38 7.16 -8.37
CA TYR B 178 -18.43 8.10 -8.69
C TYR B 178 -19.45 8.20 -7.56
N LYS B 179 -19.86 7.06 -7.01
CA LYS B 179 -20.76 7.06 -5.86
C LYS B 179 -20.15 7.72 -4.63
N TYR B 180 -18.85 7.54 -4.38
CA TYR B 180 -18.25 8.26 -3.24
C TYR B 180 -18.32 9.78 -3.42
N PHE B 181 -17.91 10.27 -4.59
CA PHE B 181 -17.95 11.72 -4.84
C PHE B 181 -19.38 12.28 -4.76
N LYS B 182 -20.36 11.48 -5.21
CA LYS B 182 -21.76 11.88 -5.11
C LYS B 182 -22.22 12.01 -3.65
N GLU B 183 -21.81 11.06 -2.82
CA GLU B 183 -22.15 11.09 -1.40
C GLU B 183 -21.62 12.36 -0.74
N LYS B 184 -20.41 12.75 -1.11
CA LYS B 184 -19.75 13.92 -0.56
C LYS B 184 -20.27 15.22 -1.14
N ASP B 185 -21.09 15.11 -2.19
CA ASP B 185 -21.62 16.28 -2.89
C ASP B 185 -20.49 17.09 -3.56
N PHE B 186 -19.51 16.38 -4.09
CA PHE B 186 -18.49 17.00 -4.95
C PHE B 186 -19.02 17.06 -6.38
N LYS B 187 -19.32 18.27 -6.85
CA LYS B 187 -20.03 18.46 -8.13
C LYS B 187 -19.12 18.80 -9.31
N PHE B 188 -17.85 19.05 -9.02
CA PHE B 188 -16.87 19.39 -10.05
C PHE B 188 -15.68 18.44 -9.99
N LEU B 189 -15.58 17.61 -11.02
CA LEU B 189 -14.63 16.51 -11.03
C LEU B 189 -13.73 16.65 -12.24
N GLN B 190 -12.46 16.28 -12.10
CA GLN B 190 -11.52 16.19 -13.23
C GLN B 190 -10.77 14.90 -13.09
N PHE B 191 -10.70 14.13 -14.17
CA PHE B 191 -10.04 12.83 -14.14
C PHE B 191 -8.75 12.88 -14.97
N ILE B 192 -7.63 12.50 -14.37
CA ILE B 192 -6.36 12.64 -15.05
C ILE B 192 -5.79 11.25 -15.28
N ASN B 193 -5.56 10.92 -16.55
CA ASN B 193 -4.96 9.64 -16.88
C ASN B 193 -3.55 9.45 -16.34
N CYS B 194 -3.34 8.28 -15.74
CA CYS B 194 -2.01 7.89 -15.30
C CYS B 194 -1.21 7.47 -16.54
N LEU B 195 -0.27 8.29 -16.97
CA LEU B 195 0.45 8.02 -18.22
C LEU B 195 1.76 7.30 -18.00
N ASP B 196 2.11 6.42 -18.94
CA ASP B 196 3.44 5.82 -18.99
C ASP B 196 4.46 6.94 -19.19
N PRO B 197 5.54 6.94 -18.40
CA PRO B 197 6.61 7.93 -18.54
C PRO B 197 7.10 7.99 -19.98
N LEU B 198 7.49 9.17 -20.42
CA LEU B 198 7.83 9.42 -21.82
C LEU B 198 8.92 8.47 -22.37
N TYR B 199 8.60 7.81 -23.47
CA TYR B 199 9.54 6.98 -24.23
C TYR B 199 10.00 5.66 -23.57
N GLU B 200 9.37 5.30 -22.45
CA GLU B 200 9.76 4.06 -21.78
C GLU B 200 8.87 2.88 -22.19
N GLU B 201 9.37 1.66 -22.00
CA GLU B 201 8.59 0.46 -22.30
C GLU B 201 7.24 0.56 -21.59
N LYS B 202 6.16 0.57 -22.37
CA LYS B 202 4.83 0.58 -21.76
C LYS B 202 4.64 -0.66 -20.91
N GLY B 203 3.74 -0.58 -19.94
CA GLY B 203 3.51 -1.71 -19.05
C GLY B 203 4.66 -2.06 -18.12
N LYS B 204 5.69 -1.19 -18.06
CA LYS B 204 6.77 -1.37 -17.09
C LYS B 204 6.29 -0.94 -15.68
N TYR B 205 5.03 -0.53 -15.61
CA TYR B 205 4.39 -0.18 -14.34
C TYR B 205 3.00 -0.82 -14.37
N ASN B 206 2.42 -1.09 -13.20
CA ASN B 206 1.16 -1.82 -13.16
C ASN B 206 -0.10 -0.96 -13.06
N TYR B 207 0.08 0.29 -12.65
CA TYR B 207 -1.04 1.22 -12.48
C TYR B 207 -1.27 2.07 -13.73
N SER B 208 -0.33 2.03 -14.67
CA SER B 208 -0.42 2.78 -15.92
C SER B 208 -1.72 2.44 -16.64
N LEU B 209 -2.47 3.44 -17.08
CA LEU B 209 -3.78 3.18 -17.68
C LEU B 209 -3.64 2.64 -19.11
N LYS B 210 -4.06 1.40 -19.32
CA LYS B 210 -4.03 0.82 -20.67
C LYS B 210 -5.29 1.24 -21.42
N PRO B 211 -5.21 1.34 -22.76
CA PRO B 211 -6.37 1.76 -23.57
C PRO B 211 -7.66 0.95 -23.32
N LYS B 212 -7.58 -0.37 -23.20
CA LYS B 212 -8.75 -1.16 -22.91
C LYS B 212 -9.43 -0.72 -21.61
N ASP B 213 -8.64 -0.42 -20.58
CA ASP B 213 -9.21 -0.02 -19.30
C ASP B 213 -9.85 1.37 -19.37
N TYR B 214 -9.21 2.28 -20.12
CA TYR B 214 -9.71 3.65 -20.33
C TYR B 214 -11.04 3.66 -21.09
N THR B 215 -11.17 2.75 -22.03
CA THR B 215 -12.44 2.62 -22.77
C THR B 215 -13.56 2.23 -21.82
N LYS B 216 -13.31 1.23 -20.98
CA LYS B 216 -14.28 0.84 -19.96
C LYS B 216 -14.57 1.99 -18.99
N PHE B 217 -13.51 2.68 -18.56
CA PHE B 217 -13.67 3.80 -17.64
C PHE B 217 -14.57 4.86 -18.26
N LEU B 218 -14.25 5.28 -19.48
CA LEU B 218 -14.99 6.36 -20.13
C LEU B 218 -16.48 6.04 -20.28
N LYS B 219 -16.77 4.81 -20.71
CA LYS B 219 -18.15 4.41 -21.00
C LYS B 219 -18.96 4.40 -19.73
N ASN B 220 -18.36 3.79 -18.70
CA ASN B 220 -18.97 3.70 -17.39
C ASN B 220 -19.21 5.08 -16.78
N LEU B 221 -18.16 5.91 -16.77
CA LEU B 221 -18.29 7.26 -16.24
C LEU B 221 -19.42 8.02 -16.95
N PHE B 222 -19.43 7.95 -18.28
CA PHE B 222 -20.45 8.64 -19.06
C PHE B 222 -21.88 8.25 -18.67
N ASP B 223 -22.12 6.95 -18.53
CA ASP B 223 -23.40 6.48 -18.06
C ASP B 223 -23.86 7.08 -16.73
N PHE B 224 -22.97 7.09 -15.73
CA PHE B 224 -23.31 7.68 -14.42
C PHE B 224 -23.60 9.17 -14.61
N TRP B 225 -22.73 9.85 -15.36
CA TRP B 225 -22.91 11.30 -15.62
C TRP B 225 -24.22 11.61 -16.32
N TYR B 226 -24.53 10.86 -17.37
CA TYR B 226 -25.78 11.08 -18.11
C TYR B 226 -27.03 10.85 -17.27
N GLU B 227 -27.01 9.81 -16.44
CA GLU B 227 -28.15 9.52 -15.57
C GLU B 227 -28.41 10.71 -14.66
N ASP B 228 -27.34 11.24 -14.07
CA ASP B 228 -27.45 12.42 -13.23
C ASP B 228 -28.00 13.62 -13.99
N PHE B 229 -27.54 13.81 -15.23
CA PHE B 229 -28.09 14.86 -16.08
C PHE B 229 -29.59 14.68 -16.32
N LEU B 230 -30.01 13.46 -16.65
CA LEU B 230 -31.44 13.18 -16.87
C LEU B 230 -32.27 13.50 -15.64
N ASN B 231 -31.77 13.13 -14.46
CA ASN B 231 -32.47 13.35 -13.20
C ASN B 231 -32.29 14.77 -12.66
N GLY B 232 -31.63 15.62 -13.44
CA GLY B 232 -31.54 17.03 -13.11
C GLY B 232 -30.44 17.37 -12.12
N ASN B 233 -29.64 16.37 -11.73
CA ASN B 233 -28.44 16.61 -10.95
C ASN B 233 -27.24 16.82 -11.88
N ARG B 234 -26.89 18.07 -12.14
CA ARG B 234 -25.73 18.33 -12.99
C ARG B 234 -24.44 18.09 -12.22
N VAL B 235 -23.70 17.06 -12.59
CA VAL B 235 -22.33 16.90 -12.10
C VAL B 235 -21.39 17.31 -13.21
N SER B 236 -20.44 18.19 -12.92
CA SER B 236 -19.51 18.65 -13.96
C SER B 236 -18.31 17.70 -14.03
N ILE B 237 -17.99 17.23 -15.23
CA ILE B 237 -16.84 16.40 -15.46
C ILE B 237 -16.04 17.05 -16.60
N ARG B 238 -14.79 17.44 -16.31
CA ARG B 238 -13.97 18.26 -17.20
C ARG B 238 -13.93 17.78 -18.65
N TYR B 239 -13.66 16.49 -18.87
CA TYR B 239 -13.61 15.97 -20.24
C TYR B 239 -14.98 16.06 -20.94
N PHE B 240 -16.06 15.67 -20.26
CA PHE B 240 -17.37 15.72 -20.93
C PHE B 240 -17.77 17.18 -21.15
N ASP B 241 -17.43 18.05 -20.20
CA ASP B 241 -17.72 19.48 -20.37
C ASP B 241 -16.98 19.99 -21.58
N GLY B 242 -15.75 19.52 -21.76
CA GLY B 242 -14.91 19.98 -22.86
C GLY B 242 -15.51 19.56 -24.21
N LEU B 243 -16.08 18.37 -24.25
CA LEU B 243 -16.77 17.89 -25.46
C LEU B 243 -17.99 18.77 -25.79
N LEU B 244 -18.77 19.07 -24.76
CA LEU B 244 -19.88 20.02 -24.92
C LEU B 244 -19.44 21.41 -25.38
N GLU B 245 -18.33 21.90 -24.85
CA GLU B 245 -17.76 23.17 -25.33
C GLU B 245 -17.43 23.06 -26.82
N THR B 246 -16.76 21.98 -27.20
CA THR B 246 -16.39 21.80 -28.60
C THR B 246 -17.64 21.82 -29.47
N ILE B 247 -18.66 21.10 -29.05
CA ILE B 247 -19.91 21.04 -29.84
C ILE B 247 -20.65 22.40 -29.91
N LEU B 248 -20.86 23.03 -28.75
CA LEU B 248 -21.61 24.28 -28.70
C LEU B 248 -20.81 25.53 -29.14
N LEU B 249 -19.54 25.59 -28.78
CA LEU B 249 -18.77 26.80 -29.03
C LEU B 249 -17.73 26.64 -30.13
N GLY B 250 -17.37 25.40 -30.43
CA GLY B 250 -16.33 25.14 -31.42
C GLY B 250 -14.91 24.98 -30.88
N LYS B 251 -14.74 25.09 -29.56
CA LYS B 251 -13.41 24.87 -28.97
C LYS B 251 -13.50 24.69 -27.44
N SER B 252 -12.49 24.03 -26.89
CA SER B 252 -12.56 23.62 -25.49
C SER B 252 -11.55 24.39 -24.64
N SER B 253 -11.84 24.53 -23.36
CA SER B 253 -10.90 25.14 -22.43
C SER B 253 -9.96 24.11 -21.80
N SER B 254 -10.06 22.85 -22.24
CA SER B 254 -9.14 21.81 -21.81
C SER B 254 -8.07 21.65 -22.88
N CYS B 255 -6.83 22.00 -22.54
CA CYS B 255 -5.73 21.84 -23.47
C CYS B 255 -5.58 20.35 -23.74
N GLY B 256 -5.42 19.98 -25.01
CA GLY B 256 -5.37 18.57 -25.37
C GLY B 256 -6.63 18.17 -26.15
N MET B 257 -7.67 19.01 -26.10
CA MET B 257 -8.92 18.74 -26.80
C MET B 257 -9.13 19.57 -28.07
N ASN B 258 -8.13 20.40 -28.39
CA ASN B 258 -8.25 21.32 -29.52
C ASN B 258 -7.41 21.00 -30.76
N GLY B 259 -6.71 19.88 -30.72
CA GLY B 259 -5.97 19.39 -31.88
C GLY B 259 -4.51 19.77 -31.91
N THR B 260 -4.18 20.91 -31.31
CA THR B 260 -2.80 21.41 -31.33
C THR B 260 -2.42 22.02 -29.98
N CYS B 261 -1.13 22.16 -29.76
CA CYS B 261 -0.60 22.62 -28.49
C CYS B 261 -0.69 24.14 -28.31
N THR B 262 -0.64 24.58 -27.05
CA THR B 262 -0.71 25.99 -26.70
C THR B 262 0.32 26.23 -25.60
N CYS B 263 1.10 27.31 -25.69
CA CYS B 263 2.07 27.66 -24.66
C CYS B 263 1.39 27.92 -23.32
N GLN B 264 1.70 27.06 -22.35
CA GLN B 264 1.12 27.14 -21.02
C GLN B 264 1.89 28.06 -20.08
N PHE B 265 3.07 28.51 -20.50
CA PHE B 265 3.92 29.34 -19.65
C PHE B 265 4.09 28.70 -18.27
N VAL B 266 4.72 27.53 -18.25
CA VAL B 266 5.09 26.87 -17.00
C VAL B 266 6.33 27.55 -16.42
N VAL B 267 6.24 28.04 -15.19
CA VAL B 267 7.34 28.81 -14.60
C VAL B 267 7.87 27.97 -13.46
N GLU B 268 9.08 27.45 -13.65
CA GLU B 268 9.76 26.74 -12.57
C GLU B 268 10.29 27.69 -11.50
N SER B 269 10.74 27.14 -10.36
CA SER B 269 11.03 27.96 -9.19
C SER B 269 12.20 28.92 -9.42
N ASP B 270 13.06 28.60 -10.38
CA ASP B 270 14.19 29.47 -10.70
C ASP B 270 13.80 30.51 -11.77
N GLY B 271 12.55 30.43 -12.25
CA GLY B 271 12.06 31.39 -13.21
C GLY B 271 12.19 30.95 -14.65
N SER B 272 12.78 29.76 -14.86
CA SER B 272 12.82 29.15 -16.20
C SER B 272 11.39 28.88 -16.69
N VAL B 273 11.12 29.11 -17.98
CA VAL B 273 9.75 28.98 -18.51
C VAL B 273 9.71 27.87 -19.58
N TYR B 274 8.68 27.00 -19.54
CA TYR B 274 8.49 25.88 -20.46
C TYR B 274 7.08 25.96 -21.08
N PRO B 275 6.87 25.33 -22.26
CA PRO B 275 5.58 25.48 -22.94
C PRO B 275 4.47 24.57 -22.41
N CYS B 276 4.81 23.50 -21.69
CA CYS B 276 3.82 22.56 -21.17
C CYS B 276 4.40 21.80 -19.97
N ASP B 277 3.54 21.47 -19.03
N ASP B 277 3.57 21.49 -18.99
CA ASP B 277 3.94 20.76 -17.81
CA ASP B 277 4.09 20.79 -17.80
C ASP B 277 4.51 19.36 -18.08
C ASP B 277 4.52 19.34 -18.07
N PHE B 278 4.09 18.77 -19.20
CA PHE B 278 4.57 17.47 -19.62
C PHE B 278 5.96 17.55 -20.21
N TYR B 279 6.41 18.77 -20.49
CA TYR B 279 7.65 19.00 -21.24
C TYR B 279 8.63 19.96 -20.52
N VAL B 280 8.74 19.78 -19.20
CA VAL B 280 9.70 20.56 -18.44
C VAL B 280 11.04 19.85 -18.60
N LEU B 281 11.74 20.20 -19.67
CA LEU B 281 13.00 19.58 -20.05
C LEU B 281 13.88 20.68 -20.63
N ASP B 282 15.21 20.53 -20.50
CA ASP B 282 16.14 21.51 -21.04
C ASP B 282 15.87 21.88 -22.51
N LYS B 283 15.55 20.89 -23.34
CA LYS B 283 15.36 21.17 -24.76
C LYS B 283 14.16 22.08 -25.02
N TRP B 284 13.24 22.17 -24.08
CA TRP B 284 12.11 23.10 -24.28
C TRP B 284 12.11 24.32 -23.40
N ARG B 285 13.22 24.57 -22.71
CA ARG B 285 13.30 25.78 -21.92
C ARG B 285 13.29 27.02 -22.85
N LEU B 286 12.33 27.91 -22.63
CA LEU B 286 12.17 29.09 -23.50
C LEU B 286 13.07 30.24 -23.07
N GLY B 287 13.43 30.28 -21.79
CA GLY B 287 14.20 31.37 -21.23
C GLY B 287 13.75 31.61 -19.79
N ASN B 288 14.10 32.77 -19.25
CA ASN B 288 13.79 33.11 -17.87
C ASN B 288 12.86 34.32 -17.78
N ILE B 289 11.81 34.20 -16.95
CA ILE B 289 10.78 35.25 -16.86
C ILE B 289 11.34 36.55 -16.30
N GLN B 290 12.50 36.48 -15.66
CA GLN B 290 13.11 37.69 -15.15
C GLN B 290 13.67 38.54 -16.28
N ASP B 291 14.08 37.88 -17.37
CA ASP B 291 14.86 38.51 -18.42
C ASP B 291 14.07 38.78 -19.71
N MET B 292 12.94 38.10 -19.89
CA MET B 292 12.22 38.18 -21.15
C MET B 292 10.76 38.51 -20.93
N THR B 293 10.18 39.26 -21.86
CA THR B 293 8.75 39.53 -21.83
C THR B 293 8.01 38.25 -22.21
N MET B 294 6.73 38.17 -21.85
CA MET B 294 5.92 37.01 -22.20
C MET B 294 5.85 36.84 -23.72
N LYS B 295 5.76 37.96 -24.44
CA LYS B 295 5.74 37.93 -25.91
C LYS B 295 7.05 37.32 -26.43
N GLU B 296 8.16 37.85 -25.91
CA GLU B 296 9.47 37.30 -26.27
C GLU B 296 9.59 35.80 -26.01
N LEU B 297 9.19 35.36 -24.83
CA LEU B 297 9.09 33.94 -24.54
C LEU B 297 8.20 33.20 -25.56
N PHE B 298 7.06 33.77 -25.91
CA PHE B 298 6.15 33.08 -26.84
C PHE B 298 6.75 32.98 -28.24
N GLU B 299 7.50 34.01 -28.63
CA GLU B 299 8.06 34.09 -29.98
C GLU B 299 9.37 33.36 -30.18
N THR B 300 9.91 32.79 -29.10
CA THR B 300 11.14 32.01 -29.21
C THR B 300 11.01 30.92 -30.25
N ASN B 301 12.13 30.57 -30.86
CA ASN B 301 12.12 29.52 -31.85
C ASN B 301 11.74 28.19 -31.20
N LYS B 302 12.17 27.99 -29.95
CA LYS B 302 11.81 26.78 -29.21
C LYS B 302 10.30 26.65 -29.02
N ASN B 303 9.64 27.75 -28.67
CA ASN B 303 8.19 27.68 -28.50
C ASN B 303 7.52 27.45 -29.86
N HIS B 304 7.92 28.24 -30.86
CA HIS B 304 7.33 28.14 -32.19
C HIS B 304 7.41 26.68 -32.68
N GLU B 305 8.53 26.03 -32.37
CA GLU B 305 8.77 24.67 -32.82
C GLU B 305 7.93 23.64 -32.07
N PHE B 306 7.89 23.78 -30.74
CA PHE B 306 7.06 22.90 -29.91
C PHE B 306 5.63 22.88 -30.43
N ILE B 307 5.10 24.06 -30.71
CA ILE B 307 3.73 24.23 -31.17
C ILE B 307 3.53 23.70 -32.59
N LYS B 308 4.42 24.08 -33.52
CA LYS B 308 4.21 23.68 -34.90
C LYS B 308 4.27 22.17 -35.09
N LEU B 309 5.11 21.49 -34.31
CA LEU B 309 5.16 20.03 -34.31
C LEU B 309 3.81 19.38 -34.05
N SER B 310 2.96 20.05 -33.28
CA SER B 310 1.69 19.47 -32.88
C SER B 310 0.66 19.58 -34.01
N PHE B 311 0.99 20.32 -35.06
CA PHE B 311 0.06 20.50 -36.16
C PHE B 311 -0.02 19.32 -37.12
N LYS B 312 0.88 18.35 -36.96
CA LYS B 312 0.85 17.17 -37.82
C LYS B 312 -0.41 16.35 -37.56
N VAL B 313 -1.06 15.90 -38.63
CA VAL B 313 -2.28 15.09 -38.49
C VAL B 313 -2.02 13.66 -38.96
N HIS B 314 -2.29 12.68 -38.11
CA HIS B 314 -2.06 11.29 -38.48
C HIS B 314 -3.09 10.87 -39.55
N GLU B 315 -2.70 9.94 -40.41
CA GLU B 315 -3.61 9.49 -41.47
C GLU B 315 -4.89 8.85 -40.94
N GLU B 316 -4.82 8.21 -39.79
CA GLU B 316 -5.99 7.58 -39.21
C GLU B 316 -7.02 8.66 -38.86
N CYS B 317 -6.53 9.80 -38.38
CA CYS B 317 -7.39 10.93 -38.00
C CYS B 317 -8.01 11.58 -39.23
N LYS B 318 -7.21 11.70 -40.28
CA LYS B 318 -7.69 12.32 -41.52
C LYS B 318 -8.95 11.67 -42.07
N LYS B 319 -9.11 10.37 -41.85
CA LYS B 319 -10.24 9.65 -42.43
C LYS B 319 -11.28 9.26 -41.40
N CYS B 320 -11.05 9.64 -40.15
CA CYS B 320 -11.93 9.27 -39.07
C CYS B 320 -13.21 10.12 -38.99
N LYS B 321 -14.33 9.44 -38.77
CA LYS B 321 -15.63 10.11 -38.64
C LYS B 321 -15.74 10.99 -37.39
N TRP B 322 -14.78 10.89 -36.46
CA TRP B 322 -14.82 11.69 -35.25
C TRP B 322 -13.83 12.85 -35.25
N PHE B 323 -13.10 13.04 -36.35
CA PHE B 323 -11.96 13.95 -36.38
C PHE B 323 -12.31 15.37 -35.92
N ARG B 324 -13.42 15.91 -36.42
CA ARG B 324 -13.78 17.29 -36.07
C ARG B 324 -14.02 17.43 -34.58
N LEU B 325 -14.46 16.36 -33.92
CA LEU B 325 -14.75 16.39 -32.48
C LEU B 325 -13.51 16.08 -31.66
N CYS B 326 -12.83 15.00 -32.05
CA CYS B 326 -11.66 14.52 -31.32
C CYS B 326 -10.42 15.35 -31.60
N LYS B 327 -10.12 15.57 -32.88
CA LYS B 327 -8.96 16.38 -33.31
C LYS B 327 -7.58 15.76 -33.04
N GLY B 328 -7.54 14.51 -32.59
CA GLY B 328 -6.27 13.81 -32.44
C GLY B 328 -5.82 13.70 -30.98
N GLY B 329 -6.48 14.45 -30.11
CA GLY B 329 -6.18 14.36 -28.70
C GLY B 329 -4.89 15.07 -28.36
N CYS B 330 -4.39 14.81 -27.15
CA CYS B 330 -3.23 15.53 -26.60
C CYS B 330 -1.92 15.03 -27.23
N ARG B 331 -1.08 15.98 -27.63
CA ARG B 331 0.23 15.70 -28.23
C ARG B 331 1.12 14.82 -27.36
N ARG B 332 0.98 14.97 -26.05
CA ARG B 332 1.75 14.14 -25.11
C ARG B 332 1.38 12.66 -25.27
N CYS B 333 0.13 12.40 -25.65
CA CYS B 333 -0.28 11.01 -25.84
C CYS B 333 0.02 10.53 -27.26
N ARG B 334 0.60 11.41 -28.07
CA ARG B 334 0.98 11.03 -29.43
C ARG B 334 2.49 10.86 -29.55
N ASP B 335 3.20 11.15 -28.47
CA ASP B 335 4.66 11.31 -28.50
C ASP B 335 5.33 10.03 -28.01
N SER B 336 5.53 9.10 -28.94
CA SER B 336 5.97 7.74 -28.61
C SER B 336 7.37 7.42 -29.14
N LYS B 337 8.07 8.39 -29.69
CA LYS B 337 9.40 8.14 -30.20
C LYS B 337 10.13 9.42 -30.23
N GLU B 338 11.27 9.46 -29.57
CA GLU B 338 12.00 10.68 -29.28
C GLU B 338 12.62 11.33 -30.53
N ASP B 339 12.38 12.63 -30.68
CA ASP B 339 12.77 13.38 -31.88
C ASP B 339 12.27 12.71 -33.17
N SER B 340 11.03 12.24 -33.14
CA SER B 340 10.35 11.77 -34.35
C SER B 340 9.06 12.54 -34.53
N ALA B 341 8.43 12.38 -35.69
CA ALA B 341 7.13 12.99 -35.87
C ALA B 341 6.14 12.32 -34.92
N LEU B 342 5.17 13.09 -34.45
CA LEU B 342 4.10 12.56 -33.62
C LEU B 342 3.45 11.39 -34.34
N GLU B 343 2.94 10.44 -33.58
CA GLU B 343 2.23 9.26 -34.08
C GLU B 343 0.76 9.29 -33.74
N LEU B 344 0.11 8.16 -33.85
CA LEU B 344 -1.31 8.14 -33.48
C LEU B 344 -1.51 8.13 -31.95
N ASN B 345 -2.47 8.92 -31.47
CA ASN B 345 -2.82 8.93 -30.05
C ASN B 345 -2.93 7.53 -29.47
N TYR B 346 -2.19 7.29 -28.39
CA TYR B 346 -2.25 6.02 -27.66
C TYR B 346 -3.66 5.58 -27.30
N TYR B 347 -4.54 6.54 -27.06
CA TYR B 347 -5.88 6.21 -26.65
C TYR B 347 -6.90 6.33 -27.77
N CYS B 348 -6.43 6.39 -29.00
CA CYS B 348 -7.31 6.47 -30.18
C CYS B 348 -8.42 5.43 -30.15
N GLN B 349 -8.08 4.16 -29.91
CA GLN B 349 -9.11 3.13 -29.93
C GLN B 349 -10.15 3.36 -28.82
N SER B 350 -9.71 3.92 -27.70
CA SER B 350 -10.61 4.30 -26.62
C SER B 350 -11.61 5.37 -27.02
N TYR B 351 -11.14 6.40 -27.73
CA TYR B 351 -12.01 7.49 -28.13
C TYR B 351 -13.01 7.03 -29.16
N LYS B 352 -12.54 6.24 -30.13
CA LYS B 352 -13.46 5.69 -31.14
C LYS B 352 -14.63 4.96 -30.50
N GLU B 353 -14.34 3.99 -29.62
CA GLU B 353 -15.42 3.20 -29.04
C GLU B 353 -16.26 4.03 -28.08
N PHE B 354 -15.64 4.97 -27.36
CA PHE B 354 -16.39 5.88 -26.48
C PHE B 354 -17.37 6.75 -27.28
N PHE B 355 -16.89 7.33 -28.37
CA PHE B 355 -17.77 8.22 -29.17
C PHE B 355 -18.95 7.44 -29.78
N GLU B 356 -18.71 6.23 -30.27
CA GLU B 356 -19.82 5.41 -30.76
C GLU B 356 -20.87 5.22 -29.68
N TYR B 357 -20.42 5.02 -28.46
CA TYR B 357 -21.31 4.77 -27.34
C TYR B 357 -22.03 6.02 -26.86
N ALA B 358 -21.33 7.16 -26.88
CA ALA B 358 -21.78 8.36 -26.18
C ALA B 358 -22.27 9.49 -27.08
N PHE B 359 -21.84 9.51 -28.34
CA PHE B 359 -22.12 10.68 -29.21
C PHE B 359 -23.59 11.08 -29.25
N PRO B 360 -24.52 10.11 -29.47
CA PRO B 360 -25.92 10.53 -29.59
C PRO B 360 -26.43 11.22 -28.33
N ARG B 361 -25.98 10.73 -27.17
CA ARG B 361 -26.45 11.32 -25.94
C ARG B 361 -25.76 12.63 -25.67
N LEU B 362 -24.50 12.75 -26.12
CA LEU B 362 -23.78 14.01 -26.04
C LEU B 362 -24.49 15.06 -26.90
N ILE B 363 -24.88 14.68 -28.09
CA ILE B 363 -25.62 15.62 -28.96
C ILE B 363 -26.93 16.05 -28.28
N ASN B 364 -27.59 15.10 -27.66
CA ASN B 364 -28.82 15.38 -26.91
C ASN B 364 -28.63 16.34 -25.72
N VAL B 365 -27.56 16.15 -24.93
CA VAL B 365 -27.26 17.10 -23.86
C VAL B 365 -26.98 18.48 -24.45
N ALA B 366 -26.15 18.51 -25.49
CA ALA B 366 -25.76 19.80 -26.09
C ALA B 366 -26.98 20.57 -26.57
N ASN B 367 -27.92 19.86 -27.19
CA ASN B 367 -29.10 20.51 -27.78
C ASN B 367 -30.19 20.84 -26.78
N ASN B 368 -29.99 20.41 -25.53
CA ASN B 368 -30.93 20.72 -24.45
C ASN B 368 -30.23 21.39 -23.27
N ILE B 369 -29.24 22.23 -23.56
CA ILE B 369 -28.57 23.00 -22.50
C ILE B 369 -29.42 24.21 -22.10
N ALA C 3 -6.81 27.82 -22.84
CA ALA C 3 -6.91 26.36 -22.63
C ALA C 3 -5.82 25.84 -21.69
N VAL C 4 -6.22 25.09 -20.66
CA VAL C 4 -5.26 24.51 -19.69
C VAL C 4 -5.35 22.99 -19.60
N PRO C 5 -4.25 22.33 -19.16
CA PRO C 5 -4.32 20.87 -19.08
C PRO C 5 -5.15 20.42 -17.88
N SER C 6 -5.48 19.12 -17.83
CA SER C 6 -6.52 18.65 -16.91
C SER C 6 -6.04 18.51 -15.47
N CYS C 7 -4.74 18.70 -15.25
CA CYS C 7 -4.16 18.58 -13.91
C CYS C 7 -4.22 19.93 -13.19
N ILE C 8 -4.75 20.94 -13.88
CA ILE C 8 -5.02 22.22 -13.22
C ILE C 8 -6.54 22.49 -13.15
N PRO C 9 -7.01 22.96 -11.98
CA PRO C 9 -8.47 23.12 -11.87
C PRO C 9 -9.03 24.23 -12.75
N SER C 10 -10.18 23.96 -13.36
CA SER C 10 -10.90 24.98 -14.11
C SER C 10 -12.40 24.63 -14.22
N ARG C 11 -13.21 25.58 -14.59
CA ARG C 11 -14.62 25.39 -14.70
C ARG C 11 -15.13 26.18 -15.89
N ALA C 12 -16.08 25.62 -16.63
CA ALA C 12 -16.64 26.30 -17.80
C ALA C 12 -18.16 26.13 -17.86
N ALA D 3 3.14 -11.98 5.93
CA ALA D 3 2.85 -13.34 6.39
C ALA D 3 3.81 -13.80 7.49
N VAL D 4 3.27 -14.26 8.62
CA VAL D 4 4.07 -14.76 9.74
C VAL D 4 3.98 -16.28 9.84
N PRO D 5 4.99 -16.95 10.43
CA PRO D 5 4.89 -18.41 10.60
C PRO D 5 4.04 -18.82 11.83
N SER D 6 3.56 -20.08 11.85
CA SER D 6 2.54 -20.49 12.81
C SER D 6 3.03 -20.59 14.26
N CYS D 7 4.34 -20.40 14.45
CA CYS D 7 4.95 -20.39 15.79
CA CYS D 7 4.93 -20.39 15.79
C CYS D 7 4.91 -18.99 16.40
N ILE D 8 4.36 -18.04 15.63
CA ILE D 8 4.18 -16.69 16.14
C ILE D 8 2.70 -16.39 16.30
N PRO D 9 2.33 -15.82 17.45
CA PRO D 9 0.90 -15.59 17.68
C PRO D 9 0.40 -14.52 16.72
N SER D 10 -0.77 -14.72 16.16
CA SER D 10 -1.28 -13.75 15.19
C SER D 10 -2.79 -13.83 15.12
N ARG D 11 -3.43 -12.71 14.81
CA ARG D 11 -4.86 -12.74 14.54
C ARG D 11 -5.18 -12.33 13.11
N ALA D 12 -6.12 -13.06 12.50
CA ALA D 12 -6.58 -12.79 11.14
C ALA D 12 -7.99 -12.24 11.14
FE1 SF4 E . 9.97 -20.48 6.75
FE2 SF4 E . 7.69 -19.54 5.63
FE3 SF4 E . 9.55 -20.75 4.15
FE4 SF4 E . 8.03 -22.21 5.81
S1 SF4 E . 7.30 -21.07 4.03
S2 SF4 E . 10.28 -22.37 5.50
S3 SF4 E . 7.84 -20.75 7.57
S4 SF4 E . 9.83 -18.79 5.26
FE1 SF4 F . 1.25 -30.56 -3.86
FE2 SF4 F . 0.20 -32.48 -2.32
FE3 SF4 F . -0.39 -29.88 -1.83
FE4 SF4 F . -1.41 -31.14 -4.02
S1 SF4 F . -1.80 -31.62 -1.82
S2 SF4 F . -0.45 -29.11 -3.95
S3 SF4 F . 0.28 -32.48 -4.59
S4 SF4 F . 1.64 -30.83 -1.66
FE1 SF4 G . 11.73 -25.28 23.36
FE2 SF4 G . 9.84 -23.48 24.14
FE3 SF4 G . 10.04 -26.05 25.29
FE4 SF4 G . 11.90 -24.15 25.71
S1 SF4 G . 9.71 -24.07 26.34
S2 SF4 G . 12.32 -26.30 25.34
S3 SF4 G . 12.09 -23.12 23.72
S4 SF4 G . 9.49 -25.47 23.13
N SAM H . 9.68 -21.16 24.57
CA SAM H . 8.60 -20.44 23.98
C SAM H . 7.40 -21.35 23.91
O SAM H . 7.43 -22.51 24.32
OXT SAM H . 6.38 -20.84 23.43
CB SAM H . 8.96 -19.81 22.62
CG SAM H . 9.83 -20.70 21.74
SD SAM H . 9.05 -22.11 21.28
CE SAM H . 10.04 -23.37 20.98
C5' SAM H . 8.13 -21.60 19.97
C4' SAM H . 6.95 -22.52 19.62
O4' SAM H . 7.46 -23.54 18.76
C3' SAM H . 6.38 -23.25 20.83
O3' SAM H . 4.98 -23.45 20.79
C2' SAM H . 7.00 -24.60 20.73
O2' SAM H . 6.15 -25.47 21.38
C1' SAM H . 7.04 -24.79 19.22
N9 SAM H . 7.87 -25.94 18.80
C8 SAM H . 8.89 -26.44 19.48
N7 SAM H . 9.45 -27.52 18.88
C5 SAM H . 8.76 -27.75 17.77
C6 SAM H . 8.81 -28.76 16.68
N6 SAM H . 9.73 -29.73 16.68
N1 SAM H . 7.92 -28.67 15.70
C2 SAM H . 6.99 -27.71 15.70
N3 SAM H . 6.87 -26.77 16.65
C4 SAM H . 7.72 -26.71 17.71
C1 GOL I . -9.56 -39.92 19.32
O1 GOL I . -10.42 -40.10 20.42
C2 GOL I . -10.16 -38.89 18.40
O2 GOL I . -10.64 -37.78 19.13
C3 GOL I . -9.18 -38.50 17.30
O3 GOL I . -7.99 -37.95 17.80
C1 GOL J . 25.41 -4.77 1.50
O1 GOL J . 25.82 -4.29 2.77
C2 GOL J . 25.00 -6.25 1.59
O2 GOL J . 26.17 -7.02 1.78
C3 GOL J . 24.22 -6.78 0.37
O3 GOL J . 22.84 -6.47 0.37
FE1 SF4 K . 0.63 20.01 -23.39
FE2 SF4 K . -1.76 20.87 -24.36
FE3 SF4 K . 0.15 19.99 -26.02
FE4 SF4 K . -1.16 18.23 -24.43
S1 SF4 K . -2.06 19.46 -26.10
S2 SF4 K . 1.08 18.32 -24.84
S3 SF4 K . -1.41 19.49 -22.56
S4 SF4 K . 0.29 21.82 -24.69
FE1 SF4 L . -7.71 10.36 -34.60
FE2 SF4 L . -8.51 8.26 -33.16
FE3 SF4 L . -9.36 10.76 -32.47
FE4 SF4 L . -10.31 9.53 -34.73
S1 SF4 L . -10.58 8.87 -32.55
S2 SF4 L . -9.56 11.69 -34.54
S3 SF4 L . -8.51 8.40 -35.46
S4 SF4 L . -7.22 9.97 -32.41
FE1 SF4 M . 3.90 12.88 -6.79
FE2 SF4 M . 1.70 14.40 -6.85
FE3 SF4 M . 1.75 12.30 -5.23
FE4 SF4 M . 3.29 14.45 -4.67
S1 SF4 M . 1.00 14.29 -4.67
S2 SF4 M . 3.95 12.30 -4.58
S3 SF4 M . 3.83 15.14 -6.76
S4 SF4 M . 1.83 12.26 -7.51
CL CL N . -12.39 14.65 -16.73
C1 GOL O . 1.41 11.04 -13.81
O1 GOL O . 1.27 9.76 -13.26
C2 GOL O . 1.04 12.03 -12.75
O2 GOL O . 1.86 11.92 -11.63
C3 GOL O . -0.37 11.70 -12.32
O3 GOL O . -1.11 12.70 -12.97
#